data_5IHX
#
_entry.id   5IHX
#
_cell.length_a   69.461
_cell.length_b   84.950
_cell.length_c   164.247
_cell.angle_alpha   90.00
_cell.angle_beta   90.00
_cell.angle_gamma   90.00
#
_symmetry.space_group_name_H-M   'P 21 21 21'
#
loop_
_entity.id
_entity.type
_entity.pdbx_description
1 polymer 'Tyrosine--tRNA ligase, mitochondrial'
2 non-polymer TYROSINE
3 water water
#
_entity_poly.entity_id   1
_entity_poly.type   'polypeptide(L)'
_entity_poly.pdbx_seq_one_letter_code
;MGQQRWITQAYLQRIEEGKKEWAQFAQEIKEGKRKSFVEHLEERGLIHDVVGDRDLLHRVFTEKRVGIYAGVDPTAPSMH
VGHMLPFMVLAWGYVWGLPVTFLLGGATSRVGDPTGRLKGREQVHSSVRKANMASMHMQLKKLGASIERYGEKHGYKRQM
IWRRTLTNNNVWWNKTPLLEVLRDLGAYIRIGPMLGRDTVKNRMERGDGMSFAEFTYPLMQAWDWWMLFKNGCQVQVGGS
DQYGNILFGVGAVKTISKNTVLQEDNNPLSDDLDKPIGFTTPLLTTSSGEKFGKSAGNAIWLDKDMTSTFELYQFFVRTP
DDAVERYLKMFTFLPIPEISKIMEEQNQDPSRRVAQHALAYEFVELIHGKDEADAVSMQHRQLFRPRTSTAEPTP
;
_entity_poly.pdbx_strand_id   A,B
#
# COMPACT_ATOMS: atom_id res chain seq x y z
N ILE A 15 0.78 -23.46 13.43
CA ILE A 15 1.90 -22.56 13.67
C ILE A 15 2.70 -22.34 12.39
N GLU A 16 3.17 -23.44 11.80
CA GLU A 16 3.93 -23.38 10.56
C GLU A 16 3.02 -22.96 9.41
N GLU A 17 1.78 -23.46 9.45
CA GLU A 17 0.79 -23.14 8.44
C GLU A 17 0.47 -21.66 8.42
N GLY A 18 0.62 -21.01 9.57
CA GLY A 18 0.37 -19.58 9.69
C GLY A 18 1.35 -18.79 8.85
N LYS A 19 2.63 -19.15 8.93
CA LYS A 19 3.68 -18.48 8.18
C LYS A 19 3.47 -18.64 6.67
N LYS A 20 3.01 -19.82 6.26
CA LYS A 20 2.73 -20.09 4.85
C LYS A 20 1.56 -19.26 4.36
N GLU A 21 0.50 -19.19 5.18
CA GLU A 21 -0.68 -18.43 4.85
C GLU A 21 -0.36 -16.95 4.66
N TRP A 22 0.44 -16.39 5.56
CA TRP A 22 0.78 -14.99 5.50
C TRP A 22 1.65 -14.68 4.29
N ALA A 23 2.49 -15.65 3.91
CA ALA A 23 3.34 -15.51 2.73
C ALA A 23 2.48 -15.49 1.47
N GLN A 24 1.46 -16.34 1.44
CA GLN A 24 0.51 -16.37 0.34
C GLN A 24 -0.20 -15.02 0.22
N PHE A 25 -0.70 -14.52 1.36
CA PHE A 25 -1.33 -13.21 1.38
C PHE A 25 -0.40 -12.12 0.85
N ALA A 26 0.88 -12.21 1.22
CA ALA A 26 1.86 -11.20 0.83
C ALA A 26 1.97 -11.10 -0.69
N GLN A 27 2.05 -12.24 -1.36
CA GLN A 27 2.11 -12.26 -2.81
C GLN A 27 0.84 -11.67 -3.41
N GLU A 28 -0.30 -12.06 -2.85
CA GLU A 28 -1.58 -11.57 -3.34
C GLU A 28 -1.72 -10.07 -3.14
N ILE A 29 -1.09 -9.54 -2.08
CA ILE A 29 -1.14 -8.11 -1.83
C ILE A 29 -0.32 -7.35 -2.87
N LYS A 30 0.87 -7.85 -3.16
CA LYS A 30 1.74 -7.22 -4.14
C LYS A 30 1.17 -7.33 -5.55
N GLU A 31 0.36 -8.36 -5.78
CA GLU A 31 -0.24 -8.61 -7.07
C GLU A 31 -1.61 -7.93 -7.22
N GLY A 32 -2.00 -7.17 -6.21
CA GLY A 32 -3.22 -6.38 -6.26
C GLY A 32 -4.51 -7.15 -6.09
N LYS A 33 -4.43 -8.33 -5.50
CA LYS A 33 -5.60 -9.17 -5.27
C LYS A 33 -6.13 -9.07 -3.85
N ARG A 34 -5.31 -8.51 -2.96
CA ARG A 34 -5.64 -8.42 -1.54
C ARG A 34 -5.04 -7.16 -0.94
N LYS A 35 -5.67 -6.65 0.13
CA LYS A 35 -5.15 -5.49 0.83
C LYS A 35 -4.25 -5.90 1.99
N SER A 36 -3.25 -5.08 2.28
CA SER A 36 -2.44 -5.26 3.47
C SER A 36 -3.21 -4.67 4.65
N PHE A 37 -2.72 -4.94 5.86
CA PHE A 37 -3.36 -4.40 7.05
C PHE A 37 -3.36 -2.88 7.04
N VAL A 38 -2.29 -2.29 6.52
CA VAL A 38 -2.18 -0.84 6.44
C VAL A 38 -3.18 -0.26 5.44
N GLU A 39 -3.18 -0.82 4.22
CA GLU A 39 -4.10 -0.39 3.18
C GLU A 39 -5.54 -0.50 3.68
N HIS A 40 -5.80 -1.56 4.43
CA HIS A 40 -7.12 -1.75 5.02
C HIS A 40 -7.46 -0.64 6.01
N LEU A 41 -6.54 -0.33 6.92
CA LEU A 41 -6.77 0.71 7.92
C LEU A 41 -6.96 2.08 7.29
N GLU A 42 -6.19 2.34 6.23
CA GLU A 42 -6.31 3.59 5.51
C GLU A 42 -7.72 3.73 4.92
N GLU A 43 -8.25 2.62 4.41
CA GLU A 43 -9.60 2.60 3.88
C GLU A 43 -10.63 2.86 4.97
N ARG A 44 -10.35 2.40 6.19
CA ARG A 44 -11.25 2.65 7.32
C ARG A 44 -11.06 4.07 7.86
N GLY A 45 -9.98 4.73 7.45
CA GLY A 45 -9.67 6.07 7.92
C GLY A 45 -9.14 6.09 9.35
N LEU A 46 -8.47 5.00 9.74
CA LEU A 46 -8.01 4.83 11.11
C LEU A 46 -6.55 5.27 11.34
N ILE A 47 -5.82 5.56 10.27
CA ILE A 47 -4.45 6.05 10.41
C ILE A 47 -4.38 7.56 10.20
N HIS A 48 -3.87 8.26 11.22
CA HIS A 48 -3.65 9.70 11.12
C HIS A 48 -2.21 9.98 10.67
N ASP A 49 -1.27 9.68 11.56
CA ASP A 49 0.16 9.80 11.25
C ASP A 49 0.87 8.47 11.46
N VAL A 50 1.84 8.19 10.59
CA VAL A 50 2.74 7.06 10.79
C VAL A 50 4.01 7.56 11.44
N VAL A 51 4.36 6.97 12.58
CA VAL A 51 5.60 7.30 13.26
C VAL A 51 6.74 6.54 12.58
N GLY A 52 7.22 7.11 11.48
CA GLY A 52 8.18 6.46 10.62
C GLY A 52 7.71 6.57 9.19
N ASP A 53 8.15 5.64 8.35
CA ASP A 53 7.80 5.65 6.93
C ASP A 53 6.56 4.81 6.69
N ARG A 54 5.53 5.42 6.11
CA ARG A 54 4.28 4.73 5.82
C ARG A 54 4.50 3.48 4.97
N ASP A 55 5.29 3.62 3.90
CA ASP A 55 5.54 2.49 3.01
C ASP A 55 6.22 1.36 3.73
N LEU A 56 7.08 1.68 4.68
CA LEU A 56 7.75 0.66 5.48
C LEU A 56 6.73 -0.07 6.37
N LEU A 57 5.82 0.70 6.97
CA LEU A 57 4.77 0.11 7.79
C LEU A 57 3.97 -0.88 6.97
N HIS A 58 3.59 -0.45 5.77
CA HIS A 58 2.91 -1.32 4.83
C HIS A 58 3.71 -2.59 4.53
N ARG A 59 5.02 -2.43 4.27
CA ARG A 59 5.84 -3.59 3.98
C ARG A 59 5.93 -4.54 5.18
N VAL A 60 6.07 -3.98 6.37
CA VAL A 60 6.18 -4.79 7.58
C VAL A 60 4.95 -5.69 7.75
N PHE A 61 3.76 -5.11 7.62
CA PHE A 61 2.53 -5.86 7.80
C PHE A 61 2.27 -6.82 6.65
N THR A 62 2.75 -6.48 5.46
CA THR A 62 2.61 -7.36 4.31
C THR A 62 3.44 -8.61 4.51
N GLU A 63 4.70 -8.43 4.92
CA GLU A 63 5.65 -9.53 5.01
C GLU A 63 5.55 -10.35 6.31
N LYS A 64 5.12 -9.70 7.40
CA LYS A 64 5.16 -10.32 8.71
C LYS A 64 3.85 -10.22 9.48
N ARG A 65 3.48 -11.31 10.15
CA ARG A 65 2.35 -11.33 11.07
C ARG A 65 2.81 -10.75 12.41
N VAL A 66 3.13 -9.45 12.42
CA VAL A 66 3.73 -8.81 13.58
C VAL A 66 2.72 -8.51 14.68
N GLY A 67 3.21 -8.44 15.90
CA GLY A 67 2.40 -8.05 17.03
C GLY A 67 2.23 -6.54 17.08
N ILE A 68 1.09 -6.10 17.61
CA ILE A 68 0.79 -4.68 17.74
C ILE A 68 0.12 -4.46 19.08
N TYR A 69 0.39 -3.31 19.72
CA TYR A 69 -0.25 -3.02 21.00
C TYR A 69 -0.64 -1.56 21.14
N ALA A 70 -1.62 -1.34 22.02
CA ALA A 70 -2.05 -0.01 22.41
C ALA A 70 -2.12 0.05 23.92
N GLY A 71 -1.72 1.18 24.49
CA GLY A 71 -1.71 1.35 25.94
C GLY A 71 -2.79 2.29 26.43
N VAL A 72 -3.24 2.08 27.67
CA VAL A 72 -4.20 2.97 28.29
C VAL A 72 -3.90 3.08 29.78
N ASP A 73 -3.89 4.31 30.29
CA ASP A 73 -3.65 4.55 31.70
C ASP A 73 -4.99 4.70 32.44
N PRO A 74 -5.23 3.88 33.47
CA PRO A 74 -6.50 3.93 34.22
C PRO A 74 -6.62 5.14 35.14
N THR A 75 -7.07 6.27 34.59
CA THR A 75 -7.31 7.47 35.37
C THR A 75 -8.78 7.58 35.77
N ALA A 76 -9.58 6.63 35.29
CA ALA A 76 -11.00 6.55 35.61
C ALA A 76 -11.40 5.09 35.72
N PRO A 77 -12.55 4.80 36.36
CA PRO A 77 -12.97 3.40 36.46
C PRO A 77 -13.41 2.82 35.12
N SER A 78 -13.56 3.69 34.12
CA SER A 78 -14.05 3.30 32.81
C SER A 78 -13.35 4.07 31.69
N MET A 79 -13.24 3.43 30.53
CA MET A 79 -12.88 4.12 29.31
C MET A 79 -14.10 4.83 28.74
N HIS A 80 -13.87 5.75 27.82
CA HIS A 80 -14.95 6.42 27.10
C HIS A 80 -14.67 6.37 25.61
N VAL A 81 -15.58 6.91 24.82
CA VAL A 81 -15.50 6.80 23.36
C VAL A 81 -14.19 7.38 22.84
N GLY A 82 -13.63 8.35 23.55
CA GLY A 82 -12.39 8.98 23.15
C GLY A 82 -11.18 8.06 23.15
N HIS A 83 -11.30 6.89 23.77
CA HIS A 83 -10.21 5.91 23.82
C HIS A 83 -10.28 4.87 22.71
N MET A 84 -11.38 4.86 21.96
CA MET A 84 -11.71 3.67 21.17
C MET A 84 -10.89 3.42 19.90
N LEU A 85 -10.48 4.47 19.20
CA LEU A 85 -9.91 4.26 17.86
C LEU A 85 -8.65 3.39 17.87
N PRO A 86 -7.73 3.62 18.81
CA PRO A 86 -6.60 2.68 18.87
C PRO A 86 -7.05 1.25 19.11
N PHE A 87 -8.14 1.07 19.85
CA PHE A 87 -8.63 -0.27 20.14
C PHE A 87 -9.46 -0.82 18.98
N MET A 88 -10.02 0.07 18.16
CA MET A 88 -10.64 -0.36 16.90
C MET A 88 -9.56 -0.93 15.99
N VAL A 89 -8.37 -0.33 16.03
CA VAL A 89 -7.23 -0.85 15.27
C VAL A 89 -6.85 -2.25 15.75
N LEU A 90 -6.80 -2.45 17.06
CA LEU A 90 -6.47 -3.75 17.61
C LEU A 90 -7.57 -4.77 17.32
N ALA A 91 -8.82 -4.31 17.32
CA ALA A 91 -9.94 -5.18 16.98
C ALA A 91 -9.77 -5.72 15.56
N TRP A 92 -9.45 -4.83 14.63
CA TRP A 92 -9.19 -5.23 13.26
C TRP A 92 -8.01 -6.20 13.20
N GLY A 93 -6.93 -5.84 13.90
CA GLY A 93 -5.75 -6.68 13.97
C GLY A 93 -6.09 -8.08 14.44
N TYR A 94 -6.91 -8.17 15.47
CA TYR A 94 -7.28 -9.47 16.04
C TYR A 94 -7.98 -10.34 15.01
N VAL A 95 -9.01 -9.81 14.36
CA VAL A 95 -9.79 -10.59 13.41
C VAL A 95 -9.00 -10.81 12.10
N TRP A 96 -7.92 -10.05 11.93
CA TRP A 96 -7.02 -10.28 10.80
C TRP A 96 -5.98 -11.36 11.10
N GLY A 97 -5.94 -11.83 12.34
CA GLY A 97 -5.02 -12.89 12.73
C GLY A 97 -3.68 -12.38 13.21
N LEU A 98 -3.59 -11.08 13.47
CA LEU A 98 -2.39 -10.50 14.04
C LEU A 98 -2.46 -10.60 15.56
N PRO A 99 -1.32 -10.92 16.22
CA PRO A 99 -1.36 -10.96 17.69
C PRO A 99 -1.42 -9.55 18.27
N VAL A 100 -2.46 -9.25 19.04
CA VAL A 100 -2.66 -7.91 19.57
C VAL A 100 -2.56 -7.91 21.08
N THR A 101 -2.08 -6.79 21.63
CA THR A 101 -1.91 -6.68 23.07
C THR A 101 -2.55 -5.38 23.57
N PHE A 102 -3.40 -5.51 24.58
CA PHE A 102 -3.94 -4.37 25.31
C PHE A 102 -3.08 -4.17 26.54
N LEU A 103 -2.42 -3.02 26.62
CA LEU A 103 -1.55 -2.72 27.76
C LEU A 103 -2.22 -1.77 28.73
N LEU A 104 -2.46 -2.24 29.94
CA LEU A 104 -3.03 -1.41 30.99
C LEU A 104 -1.89 -0.81 31.80
N GLY A 105 -1.83 0.52 31.80
CA GLY A 105 -0.73 1.23 32.43
C GLY A 105 -0.91 1.43 33.92
N GLY A 106 -0.96 0.33 34.67
CA GLY A 106 -1.17 0.41 36.10
C GLY A 106 -0.07 1.18 36.80
N ALA A 107 1.17 0.95 36.39
CA ALA A 107 2.32 1.62 36.98
C ALA A 107 2.47 3.04 36.42
N THR A 108 2.42 3.17 35.10
CA THR A 108 2.67 4.45 34.46
C THR A 108 1.58 5.47 34.76
N SER A 109 0.44 4.99 35.24
CA SER A 109 -0.65 5.88 35.63
C SER A 109 -0.32 6.60 36.94
N ARG A 110 0.53 5.99 37.76
CA ARG A 110 0.97 6.61 38.99
C ARG A 110 1.76 7.89 38.70
N VAL A 111 2.60 7.83 37.66
CA VAL A 111 3.39 8.97 37.23
C VAL A 111 2.51 9.98 36.51
N GLY A 112 1.83 9.53 35.46
CA GLY A 112 0.94 10.39 34.68
C GLY A 112 1.62 10.95 33.45
N ASP A 113 1.05 10.66 32.28
CA ASP A 113 1.58 11.13 31.01
C ASP A 113 1.47 12.65 30.91
N PRO A 114 2.62 13.35 30.83
CA PRO A 114 2.58 14.83 30.79
C PRO A 114 2.10 15.43 29.46
N THR A 115 1.95 14.60 28.43
CA THR A 115 1.61 15.11 27.10
C THR A 115 0.24 15.75 27.06
N GLY A 116 0.14 16.85 26.31
CA GLY A 116 -1.12 17.57 26.17
C GLY A 116 -1.59 18.17 27.47
N ARG A 117 -0.64 18.53 28.32
CA ARG A 117 -0.96 19.12 29.62
C ARG A 117 0.08 20.17 29.99
N LEU A 118 -0.36 21.21 30.69
CA LEU A 118 0.54 22.22 31.21
C LEU A 118 0.74 22.00 32.70
N LYS A 119 -0.35 21.82 33.42
CA LYS A 119 -0.30 21.50 34.84
C LYS A 119 -0.05 20.01 35.04
N GLY A 120 0.28 19.62 36.27
CA GLY A 120 0.51 18.22 36.59
C GLY A 120 -0.73 17.58 37.17
N ARG A 121 -0.84 16.26 37.03
CA ARG A 121 -1.97 15.52 37.55
C ARG A 121 -2.04 15.61 39.07
N GLU A 122 -3.26 15.55 39.61
CA GLU A 122 -3.46 15.63 41.05
C GLU A 122 -3.30 14.26 41.68
N GLN A 123 -2.53 14.19 42.77
CA GLN A 123 -2.28 12.94 43.47
C GLN A 123 -3.59 12.32 43.96
N VAL A 124 -3.92 11.15 43.41
CA VAL A 124 -5.14 10.44 43.79
C VAL A 124 -4.83 9.44 44.91
N HIS A 125 -5.81 9.13 45.73
CA HIS A 125 -5.61 8.18 46.82
C HIS A 125 -5.31 6.80 46.24
N SER A 126 -4.74 5.92 47.06
CA SER A 126 -4.29 4.62 46.57
C SER A 126 -5.46 3.67 46.36
N SER A 127 -6.46 3.75 47.23
CA SER A 127 -7.64 2.91 47.11
C SER A 127 -8.41 3.22 45.83
N VAL A 128 -8.39 4.48 45.42
CA VAL A 128 -9.07 4.92 44.21
C VAL A 128 -8.37 4.38 42.97
N ARG A 129 -7.04 4.50 42.95
CA ARG A 129 -6.25 4.06 41.81
C ARG A 129 -6.41 2.55 41.62
N LYS A 130 -6.43 1.82 42.74
CA LYS A 130 -6.59 0.37 42.69
C LYS A 130 -7.98 0.00 42.19
N ALA A 131 -8.99 0.76 42.60
CA ALA A 131 -10.35 0.51 42.17
C ALA A 131 -10.50 0.79 40.68
N ASN A 132 -9.94 1.92 40.25
CA ASN A 132 -9.95 2.28 38.84
C ASN A 132 -9.26 1.23 37.98
N MET A 133 -8.12 0.76 38.46
CA MET A 133 -7.32 -0.22 37.73
C MET A 133 -8.06 -1.55 37.58
N ALA A 134 -8.72 -1.97 38.64
CA ALA A 134 -9.45 -3.23 38.64
C ALA A 134 -10.67 -3.16 37.72
N SER A 135 -11.38 -2.03 37.76
CA SER A 135 -12.56 -1.84 36.92
C SER A 135 -12.18 -1.79 35.44
N MET A 136 -11.08 -1.10 35.13
CA MET A 136 -10.64 -0.97 33.75
C MET A 136 -10.16 -2.32 33.21
N HIS A 137 -9.52 -3.10 34.07
CA HIS A 137 -9.04 -4.43 33.70
C HIS A 137 -10.21 -5.33 33.29
N MET A 138 -11.28 -5.29 34.07
CA MET A 138 -12.48 -6.08 33.77
C MET A 138 -13.10 -5.64 32.46
N GLN A 139 -13.16 -4.32 32.25
CA GLN A 139 -13.77 -3.76 31.05
C GLN A 139 -13.00 -4.14 29.80
N LEU A 140 -11.67 -4.17 29.92
CA LEU A 140 -10.82 -4.53 28.79
C LEU A 140 -10.96 -6.02 28.45
N LYS A 141 -11.08 -6.85 29.47
CA LYS A 141 -11.33 -8.26 29.28
C LYS A 141 -12.66 -8.43 28.54
N LYS A 142 -13.66 -7.70 29.01
CA LYS A 142 -14.99 -7.70 28.42
C LYS A 142 -14.96 -7.23 26.96
N LEU A 143 -14.22 -6.16 26.71
CA LEU A 143 -14.09 -5.62 25.36
C LEU A 143 -13.44 -6.64 24.43
N GLY A 144 -12.44 -7.35 24.93
CA GLY A 144 -11.77 -8.38 24.17
C GLY A 144 -12.73 -9.45 23.68
N ALA A 145 -13.60 -9.91 24.57
CA ALA A 145 -14.58 -10.93 24.23
C ALA A 145 -15.63 -10.36 23.28
N SER A 146 -16.02 -9.10 23.49
CA SER A 146 -16.98 -8.44 22.62
C SER A 146 -16.46 -8.30 21.19
N ILE A 147 -15.17 -8.00 21.06
CA ILE A 147 -14.55 -7.88 19.76
C ILE A 147 -14.66 -9.18 18.98
N GLU A 148 -14.44 -10.30 19.67
CA GLU A 148 -14.54 -11.60 19.03
C GLU A 148 -15.98 -11.87 18.60
N ARG A 149 -16.92 -11.59 19.49
CA ARG A 149 -18.35 -11.76 19.19
C ARG A 149 -18.76 -10.86 18.02
N TYR A 150 -18.37 -9.59 18.08
CA TYR A 150 -18.73 -8.64 17.04
C TYR A 150 -18.08 -9.01 15.71
N GLY A 151 -16.86 -9.53 15.75
CA GLY A 151 -16.19 -10.01 14.56
C GLY A 151 -16.96 -11.17 13.93
N GLU A 152 -17.44 -12.07 14.79
CA GLU A 152 -18.23 -13.22 14.34
C GLU A 152 -19.45 -12.78 13.54
N LYS A 153 -20.14 -11.75 14.03
CA LYS A 153 -21.33 -11.25 13.35
C LYS A 153 -21.03 -10.86 11.91
N HIS A 154 -19.83 -10.32 11.68
CA HIS A 154 -19.47 -9.79 10.37
C HIS A 154 -18.61 -10.75 9.54
N GLY A 155 -18.64 -12.03 9.91
CA GLY A 155 -18.05 -13.07 9.09
C GLY A 155 -16.61 -13.43 9.41
N TYR A 156 -16.05 -12.85 10.46
CA TYR A 156 -14.69 -13.17 10.86
C TYR A 156 -14.73 -14.28 11.89
N LYS A 157 -14.38 -15.49 11.46
CA LYS A 157 -14.43 -16.67 12.31
C LYS A 157 -13.07 -16.92 12.96
N ARG A 158 -13.07 -17.03 14.28
CA ARG A 158 -11.83 -17.18 15.04
C ARG A 158 -11.05 -18.40 14.61
N GLN A 159 -9.77 -18.19 14.34
CA GLN A 159 -8.84 -19.27 14.01
C GLN A 159 -7.91 -19.52 15.19
N MET A 160 -7.32 -20.71 15.22
CA MET A 160 -6.45 -21.10 16.32
C MET A 160 -5.26 -20.16 16.46
N ILE A 161 -4.81 -19.59 15.34
CA ILE A 161 -3.63 -18.74 15.33
C ILE A 161 -3.94 -17.33 15.85
N TRP A 162 -5.22 -16.96 15.93
CA TRP A 162 -5.59 -15.65 16.48
C TRP A 162 -5.05 -15.53 17.90
N ARG A 163 -4.74 -14.31 18.31
CA ARG A 163 -4.26 -14.07 19.66
C ARG A 163 -4.52 -12.64 20.12
N ARG A 164 -5.13 -12.51 21.29
CA ARG A 164 -5.25 -11.20 21.94
C ARG A 164 -4.77 -11.36 23.39
N THR A 165 -4.05 -10.35 23.88
CA THR A 165 -3.47 -10.41 25.21
C THR A 165 -3.80 -9.15 25.99
N LEU A 166 -4.11 -9.31 27.28
CA LEU A 166 -4.28 -8.18 28.18
C LEU A 166 -3.18 -8.24 29.23
N THR A 167 -2.37 -7.19 29.31
CA THR A 167 -1.24 -7.15 30.21
C THR A 167 -1.19 -5.83 30.99
N ASN A 168 -0.89 -5.94 32.28
CA ASN A 168 -0.67 -4.78 33.14
C ASN A 168 0.84 -4.54 33.28
N ASN A 169 1.30 -3.33 32.97
CA ASN A 169 2.75 -3.07 33.00
C ASN A 169 3.29 -3.08 34.44
N ASN A 170 2.40 -3.19 35.43
CA ASN A 170 2.80 -3.46 36.80
C ASN A 170 3.60 -4.75 36.91
N VAL A 171 3.37 -5.66 35.97
CA VAL A 171 4.04 -6.95 35.95
C VAL A 171 5.56 -6.79 36.02
N TRP A 172 6.10 -5.77 35.36
CA TRP A 172 7.53 -5.50 35.43
C TRP A 172 7.86 -4.28 36.29
N TRP A 173 7.03 -3.24 36.24
CA TRP A 173 7.36 -2.00 36.96
C TRP A 173 7.37 -2.15 38.48
N ASN A 174 6.74 -3.19 39.00
CA ASN A 174 6.74 -3.43 40.44
C ASN A 174 8.12 -3.81 40.97
N LYS A 175 8.94 -4.40 40.12
CA LYS A 175 10.26 -4.90 40.54
C LYS A 175 11.44 -4.34 39.73
N THR A 176 11.17 -3.82 38.55
CA THR A 176 12.23 -3.36 37.63
C THR A 176 13.17 -2.35 38.31
N PRO A 177 14.44 -2.75 38.56
CA PRO A 177 15.37 -1.81 39.22
C PRO A 177 15.68 -0.57 38.38
N LEU A 178 15.77 0.57 39.05
CA LEU A 178 16.20 1.81 38.41
C LEU A 178 17.52 1.60 37.68
N LEU A 179 18.43 0.86 38.30
CA LEU A 179 19.77 0.67 37.75
C LEU A 179 19.69 -0.05 36.40
N GLU A 180 18.75 -0.98 36.26
CA GLU A 180 18.59 -1.71 35.00
C GLU A 180 18.16 -0.79 33.87
N VAL A 181 17.23 0.13 34.14
CA VAL A 181 16.75 1.05 33.12
C VAL A 181 17.85 2.04 32.74
N LEU A 182 18.60 2.51 33.73
CA LEU A 182 19.70 3.43 33.47
C LEU A 182 20.80 2.76 32.66
N ARG A 183 21.09 1.50 32.95
CA ARG A 183 22.14 0.76 32.27
C ARG A 183 21.79 0.48 30.82
N ASP A 184 20.57 0.01 30.58
CA ASP A 184 20.18 -0.49 29.26
C ASP A 184 19.53 0.58 28.38
N LEU A 185 19.08 1.67 28.98
CA LEU A 185 18.41 2.74 28.23
C LEU A 185 18.90 4.13 28.61
N GLY A 186 18.85 4.46 29.90
CA GLY A 186 19.18 5.80 30.36
C GLY A 186 20.56 6.28 29.98
N ALA A 187 21.51 5.36 29.91
CA ALA A 187 22.90 5.71 29.62
C ALA A 187 23.08 6.14 28.17
N TYR A 188 22.12 5.79 27.31
CA TYR A 188 22.22 6.02 25.87
C TYR A 188 21.27 7.11 25.39
N ILE A 189 20.54 7.72 26.32
CA ILE A 189 19.60 8.79 25.99
C ILE A 189 20.13 10.15 26.39
N ARG A 190 20.20 11.06 25.42
CA ARG A 190 20.63 12.43 25.68
C ARG A 190 19.43 13.24 26.14
N ILE A 191 19.62 14.05 27.19
CA ILE A 191 18.51 14.83 27.75
C ILE A 191 18.20 16.06 26.92
N GLY A 192 19.19 16.49 26.12
CA GLY A 192 19.02 17.65 25.26
C GLY A 192 17.79 17.59 24.37
N PRO A 193 17.74 16.59 23.48
CA PRO A 193 16.57 16.37 22.63
C PRO A 193 15.27 16.22 23.42
N MET A 194 15.33 15.54 24.56
CA MET A 194 14.15 15.38 25.40
C MET A 194 13.60 16.75 25.82
N LEU A 195 14.51 17.67 26.11
CA LEU A 195 14.12 19.02 26.54
C LEU A 195 13.61 19.85 25.36
N GLY A 196 13.84 19.37 24.14
CA GLY A 196 13.40 20.08 22.95
C GLY A 196 12.01 19.71 22.50
N ARG A 197 11.51 18.57 22.99
CA ARG A 197 10.17 18.11 22.65
C ARG A 197 9.12 19.15 23.07
N ASP A 198 8.08 19.27 22.25
CA ASP A 198 7.03 20.27 22.44
C ASP A 198 6.44 20.22 23.84
N THR A 199 6.09 19.03 24.30
CA THR A 199 5.43 18.86 25.60
C THR A 199 6.25 19.43 26.75
N VAL A 200 7.58 19.30 26.68
CA VAL A 200 8.44 19.80 27.74
C VAL A 200 8.65 21.29 27.53
N LYS A 201 8.91 21.66 26.27
CA LYS A 201 9.19 23.04 25.90
C LYS A 201 8.04 23.97 26.30
N ASN A 202 6.82 23.49 26.14
CA ASN A 202 5.63 24.30 26.44
C ASN A 202 5.38 24.46 27.93
N ARG A 203 5.91 23.55 28.73
CA ARG A 203 5.71 23.60 30.18
C ARG A 203 6.84 24.35 30.87
N MET A 204 7.95 24.54 30.16
CA MET A 204 9.07 25.33 30.67
C MET A 204 8.88 26.79 30.27
N GLU A 205 8.44 27.01 29.04
CA GLU A 205 8.20 28.35 28.53
C GLU A 205 7.03 29.02 29.25
N ARG A 206 5.90 28.32 29.31
CA ARG A 206 4.71 28.85 29.97
C ARG A 206 4.96 29.07 31.46
N GLY A 207 5.75 28.19 32.06
CA GLY A 207 6.11 28.30 33.46
C GLY A 207 5.24 27.45 34.36
N ASP A 208 4.70 26.36 33.80
CA ASP A 208 3.88 25.44 34.56
C ASP A 208 4.74 24.50 35.40
N GLY A 209 6.02 24.42 35.06
CA GLY A 209 6.96 23.56 35.77
C GLY A 209 6.83 22.12 35.33
N MET A 210 7.66 21.25 35.90
CA MET A 210 7.64 19.83 35.55
C MET A 210 8.52 19.02 36.50
N SER A 211 8.03 17.86 36.90
CA SER A 211 8.76 17.00 37.84
C SER A 211 9.71 16.04 37.11
N PHE A 212 10.61 15.43 37.87
CA PHE A 212 11.55 14.45 37.33
C PHE A 212 10.79 13.20 36.89
N ALA A 213 9.80 12.80 37.68
CA ALA A 213 8.96 11.66 37.36
C ALA A 213 8.30 11.83 35.99
N GLU A 214 7.70 13.01 35.76
CA GLU A 214 7.06 13.30 34.48
C GLU A 214 8.05 13.27 33.34
N PHE A 215 9.23 13.83 33.59
CA PHE A 215 10.30 13.87 32.60
C PHE A 215 10.73 12.46 32.20
N THR A 216 10.54 11.51 33.12
CA THR A 216 10.95 10.12 32.91
C THR A 216 9.89 9.30 32.17
N TYR A 217 8.66 9.81 32.14
CA TYR A 217 7.53 9.04 31.61
C TYR A 217 7.80 8.44 30.22
N PRO A 218 8.34 9.24 29.28
CA PRO A 218 8.65 8.68 27.96
C PRO A 218 9.54 7.44 28.02
N LEU A 219 10.48 7.40 28.96
CA LEU A 219 11.38 6.26 29.08
C LEU A 219 10.63 5.04 29.59
N MET A 220 9.63 5.25 30.43
CA MET A 220 8.81 4.16 30.93
C MET A 220 7.95 3.56 29.81
N GLN A 221 7.35 4.42 29.00
CA GLN A 221 6.57 3.96 27.86
C GLN A 221 7.47 3.21 26.88
N ALA A 222 8.68 3.71 26.69
CA ALA A 222 9.65 3.07 25.81
C ALA A 222 10.01 1.69 26.34
N TRP A 223 10.21 1.61 27.65
CA TRP A 223 10.56 0.34 28.28
C TRP A 223 9.39 -0.65 28.16
N ASP A 224 8.17 -0.16 28.34
CA ASP A 224 6.97 -0.98 28.12
C ASP A 224 7.03 -1.66 26.77
N TRP A 225 7.28 -0.85 25.73
CA TRP A 225 7.36 -1.35 24.37
C TRP A 225 8.45 -2.41 24.25
N TRP A 226 9.62 -2.10 24.81
CA TRP A 226 10.75 -3.04 24.79
C TRP A 226 10.35 -4.38 25.38
N MET A 227 9.63 -4.35 26.50
CA MET A 227 9.18 -5.58 27.16
C MET A 227 8.26 -6.40 26.24
N LEU A 228 7.43 -5.71 25.46
CA LEU A 228 6.54 -6.39 24.52
C LEU A 228 7.25 -6.74 23.22
N PHE A 229 8.17 -5.87 22.82
CA PHE A 229 8.94 -6.04 21.60
C PHE A 229 9.73 -7.35 21.61
N LYS A 230 10.28 -7.70 22.77
CA LYS A 230 11.04 -8.93 22.93
C LYS A 230 10.22 -10.17 22.56
N ASN A 231 8.91 -10.06 22.69
CA ASN A 231 8.01 -11.18 22.43
C ASN A 231 7.23 -11.02 21.12
N GLY A 232 7.75 -10.18 20.22
CA GLY A 232 7.21 -10.08 18.87
C GLY A 232 6.35 -8.85 18.59
N CYS A 233 6.16 -8.01 19.60
CA CYS A 233 5.32 -6.83 19.44
C CYS A 233 6.09 -5.67 18.80
N GLN A 234 6.19 -5.71 17.48
CA GLN A 234 7.03 -4.76 16.74
C GLN A 234 6.36 -3.40 16.55
N VAL A 235 5.03 -3.35 16.63
CA VAL A 235 4.29 -2.13 16.32
C VAL A 235 3.50 -1.60 17.52
N GLN A 236 3.45 -0.27 17.65
CA GLN A 236 2.59 0.38 18.64
C GLN A 236 1.63 1.34 17.96
N VAL A 237 0.38 1.33 18.41
CA VAL A 237 -0.61 2.31 17.97
C VAL A 237 -1.13 3.11 19.17
N GLY A 238 -1.36 4.40 18.97
CA GLY A 238 -1.86 5.25 20.02
C GLY A 238 -2.72 6.38 19.48
N GLY A 239 -3.26 7.20 20.37
CA GLY A 239 -4.02 8.37 19.96
C GLY A 239 -3.13 9.38 19.27
N SER A 240 -3.75 10.37 18.64
CA SER A 240 -3.04 11.41 17.90
C SER A 240 -1.96 12.11 18.73
N ASP A 241 -2.24 12.36 20.00
CA ASP A 241 -1.32 13.09 20.86
C ASP A 241 -0.14 12.25 21.34
N GLN A 242 -0.09 10.99 20.91
CA GLN A 242 0.96 10.07 21.34
C GLN A 242 2.11 9.98 20.35
N TYR A 243 2.08 10.81 19.32
CA TYR A 243 3.14 10.81 18.31
C TYR A 243 4.51 10.94 18.95
N GLY A 244 4.66 11.93 19.82
CA GLY A 244 5.92 12.18 20.50
C GLY A 244 6.44 10.98 21.28
N ASN A 245 5.59 10.40 22.11
CA ASN A 245 5.99 9.24 22.91
C ASN A 245 6.35 8.04 22.05
N ILE A 246 5.59 7.82 20.98
CA ILE A 246 5.85 6.69 20.11
C ILE A 246 7.15 6.92 19.32
N LEU A 247 7.38 8.16 18.90
CA LEU A 247 8.62 8.51 18.20
C LEU A 247 9.81 8.24 19.10
N PHE A 248 9.74 8.75 20.33
CA PHE A 248 10.79 8.49 21.31
C PHE A 248 10.96 6.99 21.52
N GLY A 249 9.85 6.28 21.54
CA GLY A 249 9.85 4.84 21.76
C GLY A 249 10.57 4.07 20.67
N VAL A 250 10.37 4.46 19.42
CA VAL A 250 11.03 3.80 18.30
C VAL A 250 12.54 3.86 18.48
N GLY A 251 13.06 5.06 18.74
CA GLY A 251 14.48 5.24 18.97
C GLY A 251 14.97 4.47 20.18
N ALA A 252 14.22 4.58 21.27
CA ALA A 252 14.59 3.94 22.53
C ALA A 252 14.67 2.41 22.40
N VAL A 253 13.72 1.83 21.68
CA VAL A 253 13.69 0.37 21.53
C VAL A 253 14.87 -0.12 20.68
N LYS A 254 15.18 0.60 19.60
CA LYS A 254 16.36 0.29 18.79
C LYS A 254 17.61 0.25 19.68
N THR A 255 17.77 1.29 20.47
CA THR A 255 18.91 1.44 21.35
C THR A 255 19.04 0.28 22.34
N ILE A 256 17.95 -0.03 23.03
CA ILE A 256 17.96 -1.11 24.01
C ILE A 256 18.36 -2.42 23.35
N SER A 257 17.70 -2.73 22.24
CA SER A 257 17.97 -3.96 21.50
C SER A 257 19.42 -4.02 21.04
N LYS A 258 19.97 -2.85 20.71
CA LYS A 258 21.32 -2.76 20.16
C LYS A 258 22.40 -2.84 21.25
N ASN A 259 22.06 -2.42 22.46
CA ASN A 259 23.05 -2.27 23.53
C ASN A 259 22.81 -3.15 24.74
N THR A 260 21.72 -3.92 24.73
CA THR A 260 21.42 -4.78 25.87
C THR A 260 22.51 -5.83 26.04
N VAL A 261 22.87 -6.10 27.29
CA VAL A 261 23.98 -7.00 27.61
C VAL A 261 23.54 -8.46 27.60
N LEU A 262 22.23 -8.68 27.63
CA LEU A 262 21.69 -10.04 27.56
C LEU A 262 21.71 -10.57 26.13
N GLN A 263 22.49 -11.63 25.90
CA GLN A 263 22.68 -12.16 24.55
C GLN A 263 21.40 -12.74 23.97
N GLU A 264 20.51 -13.22 24.83
CA GLU A 264 19.23 -13.76 24.37
C GLU A 264 18.33 -12.68 23.79
N ASP A 265 18.58 -11.43 24.18
CA ASP A 265 17.74 -10.31 23.76
C ASP A 265 18.42 -9.38 22.77
N ASN A 266 19.75 -9.43 22.71
CA ASN A 266 20.49 -8.50 21.87
C ASN A 266 20.21 -8.73 20.39
N ASN A 267 20.01 -7.63 19.67
CA ASN A 267 19.73 -7.68 18.24
C ASN A 267 19.96 -6.30 17.64
N PRO A 268 20.79 -6.21 16.59
CA PRO A 268 21.09 -4.90 16.00
C PRO A 268 19.92 -4.33 15.18
N LEU A 269 18.97 -5.18 14.80
CA LEU A 269 17.84 -4.78 13.98
C LEU A 269 18.33 -4.11 12.69
N SER A 270 19.24 -4.77 12.01
CA SER A 270 19.85 -4.23 10.80
C SER A 270 18.83 -4.12 9.65
N ASP A 271 17.93 -5.08 9.56
CA ASP A 271 16.89 -5.06 8.54
C ASP A 271 15.73 -4.16 8.96
N ASP A 272 15.37 -3.23 8.08
CA ASP A 272 14.30 -2.28 8.37
C ASP A 272 12.97 -2.96 8.70
N LEU A 273 12.76 -4.16 8.15
CA LEU A 273 11.52 -4.89 8.36
C LEU A 273 11.36 -5.38 9.80
N ASP A 274 12.44 -5.28 10.59
CA ASP A 274 12.43 -5.76 11.96
C ASP A 274 12.47 -4.61 12.98
N LYS A 275 12.63 -3.39 12.49
CA LYS A 275 12.75 -2.23 13.37
C LYS A 275 11.37 -1.86 13.94
N PRO A 276 11.35 -1.39 15.19
CA PRO A 276 10.08 -0.93 15.77
C PRO A 276 9.50 0.24 14.97
N ILE A 277 8.18 0.33 14.92
CA ILE A 277 7.52 1.36 14.15
C ILE A 277 6.12 1.54 14.73
N GLY A 278 5.49 2.66 14.47
CA GLY A 278 4.16 2.91 15.02
C GLY A 278 3.37 3.91 14.22
N PHE A 279 2.12 4.14 14.66
CA PHE A 279 1.28 5.13 14.02
C PHE A 279 0.19 5.59 14.98
N THR A 280 -0.45 6.69 14.64
CA THR A 280 -1.49 7.27 15.48
C THR A 280 -2.85 7.21 14.81
N THR A 281 -3.90 7.33 15.61
CA THR A 281 -5.27 7.38 15.12
C THR A 281 -5.74 8.84 15.19
N PRO A 282 -6.71 9.21 14.33
CA PRO A 282 -7.15 10.61 14.22
C PRO A 282 -7.80 11.18 15.49
N LEU A 283 -7.78 12.50 15.60
CA LEU A 283 -8.40 13.20 16.73
C LEU A 283 -9.90 13.43 16.50
N LEU A 284 -10.70 12.99 17.45
CA LEU A 284 -12.15 13.20 17.40
C LEU A 284 -12.52 14.58 17.94
N THR A 285 -13.26 15.35 17.13
CA THR A 285 -13.72 16.68 17.56
C THR A 285 -15.25 16.71 17.71
N THR A 286 -15.74 17.67 18.49
CA THR A 286 -17.17 17.87 18.66
C THR A 286 -17.66 19.02 17.78
N SER A 287 -18.95 19.32 17.87
CA SER A 287 -19.54 20.40 17.08
C SER A 287 -19.33 21.75 17.75
N ASN A 298 -19.72 16.28 28.84
CA ASN A 298 -18.77 15.43 29.56
C ASN A 298 -18.45 14.17 28.74
N ALA A 299 -17.91 13.15 29.40
CA ALA A 299 -17.45 11.94 28.71
C ALA A 299 -18.58 10.97 28.40
N ILE A 300 -18.41 10.23 27.31
CA ILE A 300 -19.32 9.17 26.92
C ILE A 300 -18.70 7.83 27.30
N TRP A 301 -19.05 7.34 28.48
CA TRP A 301 -18.43 6.15 29.05
C TRP A 301 -18.89 4.85 28.38
N LEU A 302 -18.02 3.86 28.37
CA LEU A 302 -18.33 2.54 27.83
C LEU A 302 -18.97 1.65 28.91
N ASP A 303 -18.96 2.13 30.14
CA ASP A 303 -19.59 1.43 31.25
C ASP A 303 -21.07 1.75 31.34
N LYS A 304 -21.91 0.72 31.20
CA LYS A 304 -23.37 0.86 31.23
C LYS A 304 -23.87 1.58 32.48
N ASP A 305 -23.16 1.42 33.60
CA ASP A 305 -23.59 2.01 34.86
C ASP A 305 -23.24 3.50 34.96
N MET A 306 -22.35 3.97 34.09
CA MET A 306 -21.96 5.38 34.06
C MET A 306 -22.66 6.11 32.92
N THR A 307 -22.68 5.46 31.75
CA THR A 307 -23.42 5.97 30.60
C THR A 307 -24.33 4.86 30.09
N SER A 308 -25.63 5.06 30.23
CA SER A 308 -26.60 4.05 29.83
C SER A 308 -26.48 3.73 28.35
N THR A 309 -26.92 2.53 27.98
CA THR A 309 -26.89 2.09 26.59
C THR A 309 -27.73 3.02 25.72
N PHE A 310 -28.82 3.53 26.29
CA PHE A 310 -29.71 4.43 25.57
C PHE A 310 -28.99 5.73 25.22
N GLU A 311 -28.25 6.24 26.19
CA GLU A 311 -27.50 7.48 26.03
C GLU A 311 -26.29 7.35 25.11
N LEU A 312 -25.68 6.17 25.10
CA LEU A 312 -24.58 5.90 24.18
C LEU A 312 -25.14 5.90 22.77
N TYR A 313 -26.34 5.34 22.63
CA TYR A 313 -27.02 5.32 21.35
C TYR A 313 -27.32 6.75 20.90
N GLN A 314 -27.88 7.55 21.80
CA GLN A 314 -28.20 8.95 21.50
C GLN A 314 -26.97 9.73 21.04
N PHE A 315 -25.85 9.53 21.72
CA PHE A 315 -24.63 10.25 21.37
C PHE A 315 -24.27 10.02 19.90
N PHE A 316 -24.35 8.78 19.45
CA PHE A 316 -23.96 8.46 18.09
C PHE A 316 -25.02 8.83 17.04
N VAL A 317 -26.30 8.83 17.41
CA VAL A 317 -27.33 9.25 16.45
C VAL A 317 -27.23 10.76 16.18
N ARG A 318 -26.64 11.50 17.11
CA ARG A 318 -26.45 12.94 16.95
C ARG A 318 -25.19 13.27 16.16
N THR A 319 -24.51 12.26 15.63
CA THR A 319 -23.32 12.49 14.82
C THR A 319 -23.67 13.39 13.63
N PRO A 320 -22.88 14.46 13.41
CA PRO A 320 -23.18 15.37 12.28
C PRO A 320 -23.17 14.66 10.93
N ASP A 321 -23.99 15.14 10.00
CA ASP A 321 -24.09 14.57 8.66
C ASP A 321 -22.75 14.50 7.93
N ASP A 322 -21.90 15.52 8.12
CA ASP A 322 -20.62 15.57 7.41
C ASP A 322 -19.56 14.68 8.07
N ALA A 323 -19.91 14.03 9.17
CA ALA A 323 -18.96 13.16 9.89
C ALA A 323 -19.39 11.69 9.93
N VAL A 324 -20.67 11.42 9.71
CA VAL A 324 -21.21 10.08 9.95
C VAL A 324 -20.56 9.02 9.06
N GLU A 325 -20.27 9.34 7.81
CA GLU A 325 -19.67 8.35 6.91
C GLU A 325 -18.30 7.91 7.43
N ARG A 326 -17.48 8.86 7.84
CA ARG A 326 -16.16 8.52 8.35
C ARG A 326 -16.29 7.72 9.64
N TYR A 327 -17.24 8.10 10.50
CA TYR A 327 -17.45 7.39 11.76
C TYR A 327 -17.89 5.94 11.51
N LEU A 328 -18.73 5.73 10.50
CA LEU A 328 -19.13 4.37 10.14
C LEU A 328 -17.92 3.52 9.81
N LYS A 329 -16.93 4.13 9.14
CA LYS A 329 -15.72 3.41 8.76
C LYS A 329 -14.80 3.16 9.96
N MET A 330 -14.74 4.12 10.88
CA MET A 330 -13.81 4.04 12.00
C MET A 330 -14.35 3.24 13.18
N PHE A 331 -15.66 3.30 13.40
CA PHE A 331 -16.26 2.73 14.61
C PHE A 331 -17.02 1.41 14.40
N THR A 332 -17.06 0.89 13.17
CA THR A 332 -17.77 -0.36 12.91
C THR A 332 -16.98 -1.28 12.00
N PHE A 333 -17.43 -2.54 11.92
CA PHE A 333 -16.86 -3.54 11.02
C PHE A 333 -17.70 -3.66 9.74
N LEU A 334 -18.61 -2.72 9.54
CA LEU A 334 -19.47 -2.71 8.35
C LEU A 334 -18.60 -2.66 7.09
N PRO A 335 -18.85 -3.57 6.13
CA PRO A 335 -18.11 -3.51 4.86
C PRO A 335 -18.29 -2.18 4.14
N ILE A 336 -17.26 -1.76 3.40
CA ILE A 336 -17.31 -0.49 2.68
C ILE A 336 -18.49 -0.43 1.70
N PRO A 337 -18.73 -1.53 0.94
CA PRO A 337 -19.90 -1.52 0.05
C PRO A 337 -21.21 -1.24 0.79
N GLU A 338 -21.37 -1.82 1.98
CA GLU A 338 -22.56 -1.62 2.78
C GLU A 338 -22.64 -0.17 3.25
N ILE A 339 -21.48 0.42 3.56
CA ILE A 339 -21.44 1.82 3.97
C ILE A 339 -21.83 2.72 2.80
N SER A 340 -21.40 2.36 1.60
CA SER A 340 -21.76 3.12 0.41
C SER A 340 -23.26 3.07 0.19
N LYS A 341 -23.83 1.88 0.33
CA LYS A 341 -25.28 1.68 0.19
C LYS A 341 -26.06 2.50 1.22
N ILE A 342 -25.53 2.55 2.45
CA ILE A 342 -26.17 3.33 3.52
C ILE A 342 -26.09 4.83 3.20
N MET A 343 -24.94 5.27 2.69
CA MET A 343 -24.73 6.68 2.43
C MET A 343 -25.57 7.14 1.23
N GLU A 344 -25.78 6.25 0.26
CA GLU A 344 -26.62 6.56 -0.88
C GLU A 344 -28.04 6.90 -0.44
N GLU A 345 -28.56 6.12 0.51
CA GLU A 345 -29.88 6.40 1.07
C GLU A 345 -29.85 7.63 1.97
N GLN A 346 -28.77 7.75 2.74
CA GLN A 346 -28.58 8.89 3.63
C GLN A 346 -28.56 10.21 2.84
N ASN A 347 -27.84 10.23 1.72
CA ASN A 347 -27.68 11.44 0.94
C ASN A 347 -28.98 11.91 0.26
N GLN A 348 -29.92 10.97 0.08
CA GLN A 348 -31.23 11.32 -0.45
C GLN A 348 -32.06 12.12 0.54
N ASP A 349 -31.92 11.78 1.82
CA ASP A 349 -32.70 12.42 2.88
C ASP A 349 -32.05 12.17 4.24
N PRO A 350 -31.08 13.01 4.62
CA PRO A 350 -30.36 12.79 5.88
C PRO A 350 -31.18 13.04 7.14
N SER A 351 -32.39 13.58 7.00
CA SER A 351 -33.23 13.84 8.17
C SER A 351 -33.71 12.53 8.80
N ARG A 352 -33.69 11.46 8.02
CA ARG A 352 -34.10 10.15 8.51
C ARG A 352 -33.01 9.50 9.37
N ARG A 353 -31.80 10.06 9.28
CA ARG A 353 -30.66 9.61 10.08
C ARG A 353 -30.39 8.11 9.90
N VAL A 354 -30.54 7.63 8.66
CA VAL A 354 -30.28 6.22 8.37
C VAL A 354 -28.84 5.86 8.69
N ALA A 355 -27.92 6.76 8.35
CA ALA A 355 -26.50 6.51 8.56
C ALA A 355 -26.17 6.57 10.05
N GLN A 356 -26.73 7.55 10.74
CA GLN A 356 -26.47 7.73 12.16
C GLN A 356 -27.02 6.57 12.99
N HIS A 357 -28.19 6.06 12.61
CA HIS A 357 -28.81 4.95 13.32
C HIS A 357 -28.03 3.66 13.13
N ALA A 358 -27.55 3.44 11.92
CA ALA A 358 -26.72 2.27 11.63
C ALA A 358 -25.43 2.33 12.44
N LEU A 359 -24.86 3.53 12.55
CA LEU A 359 -23.63 3.74 13.32
C LEU A 359 -23.86 3.47 14.79
N ALA A 360 -24.94 4.05 15.32
CA ALA A 360 -25.28 3.91 16.73
C ALA A 360 -25.54 2.45 17.09
N TYR A 361 -26.28 1.76 16.22
CA TYR A 361 -26.64 0.37 16.48
C TYR A 361 -25.40 -0.50 16.54
N GLU A 362 -24.55 -0.39 15.53
CA GLU A 362 -23.34 -1.19 15.45
C GLU A 362 -22.44 -1.03 16.66
N PHE A 363 -22.22 0.20 17.08
CA PHE A 363 -21.30 0.45 18.17
C PHE A 363 -21.88 0.01 19.50
N VAL A 364 -23.18 0.19 19.68
CA VAL A 364 -23.84 -0.28 20.89
C VAL A 364 -23.79 -1.81 20.95
N GLU A 365 -23.98 -2.46 19.80
CA GLU A 365 -23.89 -3.91 19.76
C GLU A 365 -22.49 -4.37 20.12
N LEU A 366 -21.47 -3.70 19.58
CA LEU A 366 -20.08 -4.04 19.89
C LEU A 366 -19.82 -3.95 21.39
N ILE A 367 -20.21 -2.85 21.99
CA ILE A 367 -19.90 -2.61 23.40
C ILE A 367 -20.81 -3.36 24.34
N HIS A 368 -22.11 -3.35 24.07
CA HIS A 368 -23.11 -3.83 25.03
C HIS A 368 -23.94 -5.03 24.57
N GLY A 369 -23.72 -5.49 23.34
CA GLY A 369 -24.40 -6.68 22.85
C GLY A 369 -25.64 -6.39 22.02
N LYS A 370 -26.09 -7.41 21.29
CA LYS A 370 -27.21 -7.28 20.38
C LYS A 370 -28.53 -6.91 21.08
N ASP A 371 -28.82 -7.58 22.20
CA ASP A 371 -30.06 -7.33 22.92
C ASP A 371 -30.19 -5.87 23.34
N GLU A 372 -29.09 -5.28 23.81
CA GLU A 372 -29.08 -3.88 24.18
C GLU A 372 -29.28 -3.00 22.95
N ALA A 373 -28.64 -3.38 21.85
CA ALA A 373 -28.74 -2.61 20.62
C ALA A 373 -30.17 -2.61 20.09
N ASP A 374 -30.81 -3.78 20.11
CA ASP A 374 -32.20 -3.88 19.69
C ASP A 374 -33.12 -3.02 20.55
N ALA A 375 -32.96 -3.14 21.87
CA ALA A 375 -33.84 -2.44 22.81
C ALA A 375 -33.76 -0.92 22.64
N VAL A 376 -32.56 -0.36 22.65
CA VAL A 376 -32.42 1.09 22.61
C VAL A 376 -32.79 1.67 21.25
N SER A 377 -32.54 0.93 20.18
CA SER A 377 -32.88 1.39 18.84
C SER A 377 -34.40 1.43 18.63
N MET A 378 -35.08 0.41 19.14
CA MET A 378 -36.54 0.37 19.06
C MET A 378 -37.15 1.49 19.89
N GLN A 379 -36.65 1.66 21.11
CA GLN A 379 -37.15 2.70 22.00
C GLN A 379 -36.87 4.09 21.45
N HIS A 380 -35.75 4.24 20.74
CA HIS A 380 -35.38 5.55 20.20
C HIS A 380 -36.27 5.94 19.03
N ARG A 381 -36.63 4.96 18.21
CA ARG A 381 -37.50 5.21 17.07
C ARG A 381 -38.92 5.49 17.55
N GLN A 382 -39.40 4.69 18.50
CA GLN A 382 -40.72 4.90 19.08
C GLN A 382 -40.88 6.26 19.77
N LEU A 383 -39.78 6.83 20.24
CA LEU A 383 -39.81 8.09 20.97
C LEU A 383 -39.57 9.30 20.07
N PHE A 384 -38.59 9.18 19.19
CA PHE A 384 -38.23 10.27 18.28
C PHE A 384 -38.46 9.86 16.83
N GLN B 13 13.79 -26.88 -10.68
CA GLN B 13 12.69 -27.76 -11.08
C GLN B 13 11.85 -27.13 -12.17
N ARG B 14 10.87 -26.32 -11.79
CA ARG B 14 9.98 -25.65 -12.74
C ARG B 14 10.80 -24.81 -13.73
N ILE B 15 11.85 -24.18 -13.22
CA ILE B 15 12.81 -23.45 -14.03
C ILE B 15 13.28 -24.27 -15.23
N GLU B 16 13.74 -25.49 -14.97
CA GLU B 16 14.24 -26.36 -16.03
C GLU B 16 13.13 -26.76 -17.00
N GLU B 17 11.95 -27.05 -16.47
CA GLU B 17 10.80 -27.40 -17.31
C GLU B 17 10.39 -26.22 -18.18
N GLY B 18 10.59 -25.01 -17.66
CA GLY B 18 10.26 -23.79 -18.38
C GLY B 18 11.12 -23.59 -19.61
N LYS B 19 12.41 -23.80 -19.45
CA LYS B 19 13.36 -23.66 -20.55
C LYS B 19 13.06 -24.66 -21.66
N LYS B 20 12.61 -25.85 -21.26
CA LYS B 20 12.24 -26.88 -22.21
C LYS B 20 11.02 -26.47 -23.02
N GLU B 21 10.02 -25.92 -22.34
CA GLU B 21 8.80 -25.46 -23.00
C GLU B 21 9.12 -24.38 -24.01
N TRP B 22 9.99 -23.45 -23.63
CA TRP B 22 10.38 -22.35 -24.50
C TRP B 22 11.20 -22.87 -25.68
N ALA B 23 11.95 -23.95 -25.44
CA ALA B 23 12.76 -24.56 -26.48
C ALA B 23 11.88 -25.16 -27.59
N GLN B 24 10.79 -25.81 -27.19
CA GLN B 24 9.85 -26.39 -28.14
C GLN B 24 9.25 -25.31 -29.04
N PHE B 25 8.77 -24.24 -28.41
CA PHE B 25 8.20 -23.11 -29.12
C PHE B 25 9.18 -22.57 -30.16
N ALA B 26 10.45 -22.49 -29.76
CA ALA B 26 11.50 -21.94 -30.63
C ALA B 26 11.63 -22.75 -31.92
N GLN B 27 11.65 -24.07 -31.79
CA GLN B 27 11.75 -24.95 -32.95
C GLN B 27 10.52 -24.77 -33.85
N GLU B 28 9.35 -24.71 -33.23
CA GLU B 28 8.09 -24.54 -33.96
C GLU B 28 8.04 -23.19 -34.67
N ILE B 29 8.69 -22.19 -34.07
CA ILE B 29 8.73 -20.85 -34.66
C ILE B 29 9.56 -20.85 -35.94
N LYS B 30 10.70 -21.53 -35.88
CA LYS B 30 11.60 -21.60 -37.03
C LYS B 30 10.95 -22.35 -38.19
N GLU B 31 10.03 -23.25 -37.86
CA GLU B 31 9.34 -24.05 -38.87
C GLU B 31 8.07 -23.37 -39.39
N GLY B 32 7.81 -22.17 -38.89
CA GLY B 32 6.68 -21.39 -39.36
C GLY B 32 5.35 -21.92 -38.85
N LYS B 33 5.40 -22.67 -37.75
CA LYS B 33 4.21 -23.28 -37.17
C LYS B 33 3.68 -22.46 -36.00
N ARG B 34 4.51 -21.55 -35.50
CA ARG B 34 4.16 -20.71 -34.36
C ARG B 34 4.80 -19.34 -34.51
N LYS B 35 4.18 -18.32 -33.92
CA LYS B 35 4.73 -16.97 -33.95
C LYS B 35 5.59 -16.70 -32.74
N SER B 36 6.61 -15.85 -32.92
CA SER B 36 7.39 -15.35 -31.81
C SER B 36 6.62 -14.20 -31.18
N PHE B 37 7.08 -13.75 -30.02
CA PHE B 37 6.45 -12.64 -29.32
C PHE B 37 6.49 -11.39 -30.19
N VAL B 38 7.59 -11.23 -30.94
CA VAL B 38 7.77 -10.09 -31.82
C VAL B 38 6.78 -10.10 -32.97
N GLU B 39 6.73 -11.22 -33.69
CA GLU B 39 5.79 -11.39 -34.80
C GLU B 39 4.37 -11.17 -34.31
N HIS B 40 4.10 -11.64 -33.10
CA HIS B 40 2.78 -11.47 -32.49
C HIS B 40 2.45 -10.01 -32.28
N LEU B 41 3.38 -9.23 -31.72
CA LEU B 41 3.16 -7.81 -31.46
C LEU B 41 2.97 -7.05 -32.76
N GLU B 42 3.74 -7.42 -33.78
CA GLU B 42 3.62 -6.80 -35.11
C GLU B 42 2.21 -7.04 -35.67
N GLU B 43 1.68 -8.23 -35.43
CA GLU B 43 0.32 -8.56 -35.84
C GLU B 43 -0.67 -7.64 -35.12
N ARG B 44 -0.33 -7.31 -33.87
CA ARG B 44 -1.11 -6.37 -33.07
C ARG B 44 -0.87 -4.91 -33.41
N GLY B 45 0.23 -4.64 -34.12
CA GLY B 45 0.57 -3.28 -34.49
C GLY B 45 1.09 -2.50 -33.31
N LEU B 46 1.71 -3.19 -32.37
CA LEU B 46 2.17 -2.58 -31.13
C LEU B 46 3.64 -2.15 -31.18
N ILE B 47 4.35 -2.55 -32.22
CA ILE B 47 5.75 -2.13 -32.39
C ILE B 47 5.86 -1.00 -33.41
N HIS B 48 6.42 0.12 -32.97
CA HIS B 48 6.67 1.26 -33.83
C HIS B 48 8.10 1.22 -34.38
N ASP B 49 9.07 1.46 -33.51
CA ASP B 49 10.48 1.38 -33.87
C ASP B 49 11.20 0.40 -32.94
N VAL B 50 12.14 -0.35 -33.50
CA VAL B 50 13.01 -1.20 -32.70
C VAL B 50 14.33 -0.48 -32.46
N VAL B 51 14.70 -0.31 -31.20
CA VAL B 51 16.00 0.27 -30.85
C VAL B 51 17.04 -0.83 -30.98
N GLY B 52 17.49 -1.04 -32.21
CA GLY B 52 18.37 -2.15 -32.54
C GLY B 52 17.83 -2.86 -33.77
N ASP B 53 18.18 -4.14 -33.91
CA ASP B 53 17.79 -4.92 -35.07
C ASP B 53 16.51 -5.71 -34.82
N ARG B 54 15.51 -5.51 -35.67
CA ARG B 54 14.23 -6.19 -35.55
C ARG B 54 14.41 -7.71 -35.53
N ASP B 55 15.19 -8.22 -36.48
CA ASP B 55 15.42 -9.65 -36.59
C ASP B 55 16.13 -10.19 -35.36
N LEU B 56 17.00 -9.37 -34.77
CA LEU B 56 17.67 -9.75 -33.53
C LEU B 56 16.64 -9.83 -32.41
N LEU B 57 15.73 -8.85 -32.38
CA LEU B 57 14.65 -8.83 -31.40
C LEU B 57 13.82 -10.10 -31.52
N HIS B 58 13.47 -10.44 -32.75
CA HIS B 58 12.75 -11.67 -33.05
C HIS B 58 13.48 -12.89 -32.51
N ARG B 59 14.77 -12.95 -32.79
CA ARG B 59 15.63 -14.06 -32.36
C ARG B 59 15.75 -14.14 -30.84
N VAL B 60 15.92 -12.99 -30.19
CA VAL B 60 16.04 -12.96 -28.73
C VAL B 60 14.81 -13.59 -28.07
N PHE B 61 13.63 -13.16 -28.50
CA PHE B 61 12.39 -13.66 -27.92
C PHE B 61 12.12 -15.12 -28.31
N THR B 62 12.58 -15.51 -29.50
CA THR B 62 12.43 -16.89 -29.93
C THR B 62 13.24 -17.83 -29.06
N GLU B 63 14.51 -17.45 -28.84
CA GLU B 63 15.45 -18.31 -28.14
C GLU B 63 15.32 -18.23 -26.62
N LYS B 64 14.89 -17.08 -26.12
CA LYS B 64 14.92 -16.82 -24.68
C LYS B 64 13.61 -16.29 -24.12
N ARG B 65 13.26 -16.79 -22.93
CA ARG B 65 12.13 -16.28 -22.17
C ARG B 65 12.60 -15.04 -21.43
N VAL B 66 12.89 -13.97 -22.17
CA VAL B 66 13.52 -12.79 -21.61
C VAL B 66 12.57 -11.94 -20.79
N GLY B 67 13.12 -11.23 -19.81
CA GLY B 67 12.35 -10.28 -19.04
C GLY B 67 12.19 -9.00 -19.82
N ILE B 68 11.06 -8.33 -19.60
CA ILE B 68 10.79 -7.06 -20.27
C ILE B 68 10.15 -6.10 -19.29
N TYR B 69 10.47 -4.81 -19.42
CA TYR B 69 9.91 -3.81 -18.53
C TYR B 69 9.55 -2.51 -19.24
N ALA B 70 8.64 -1.77 -18.62
CA ALA B 70 8.27 -0.44 -19.05
C ALA B 70 8.33 0.47 -17.83
N GLY B 71 8.76 1.70 -18.05
CA GLY B 71 8.89 2.64 -16.95
C GLY B 71 7.78 3.67 -16.97
N VAL B 72 7.47 4.20 -15.79
CA VAL B 72 6.46 5.24 -15.67
C VAL B 72 6.87 6.22 -14.58
N ASP B 73 6.80 7.51 -14.91
CA ASP B 73 7.14 8.57 -13.98
C ASP B 73 5.88 9.11 -13.31
N PRO B 74 5.81 9.06 -11.97
CA PRO B 74 4.59 9.56 -11.33
C PRO B 74 4.51 11.08 -11.32
N THR B 75 4.08 11.67 -12.44
CA THR B 75 3.89 13.12 -12.52
C THR B 75 2.42 13.47 -12.35
N ALA B 76 1.58 12.45 -12.23
CA ALA B 76 0.15 12.63 -12.02
C ALA B 76 -0.34 11.51 -11.11
N PRO B 77 -1.51 11.71 -10.47
CA PRO B 77 -2.05 10.65 -9.60
C PRO B 77 -2.56 9.46 -10.39
N SER B 78 -2.65 9.62 -11.70
CA SER B 78 -3.21 8.59 -12.57
C SER B 78 -2.50 8.56 -13.92
N MET B 79 -2.44 7.39 -14.53
CA MET B 79 -2.08 7.28 -15.94
C MET B 79 -3.32 7.56 -16.77
N HIS B 80 -3.13 7.78 -18.07
CA HIS B 80 -4.22 7.94 -19.02
C HIS B 80 -3.98 7.05 -20.23
N VAL B 81 -4.91 7.07 -21.17
CA VAL B 81 -4.90 6.15 -22.32
C VAL B 81 -3.63 6.27 -23.16
N GLY B 82 -3.04 7.45 -23.21
CA GLY B 82 -1.83 7.66 -24.00
C GLY B 82 -0.63 6.89 -23.49
N HIS B 83 -0.73 6.36 -22.27
CA HIS B 83 0.35 5.61 -21.65
C HIS B 83 0.23 4.09 -21.86
N MET B 84 -0.92 3.66 -22.38
CA MET B 84 -1.30 2.25 -22.28
C MET B 84 -0.54 1.26 -23.17
N LEU B 85 -0.11 1.70 -24.34
CA LEU B 85 0.41 0.77 -25.35
C LEU B 85 1.63 -0.01 -24.84
N PRO B 86 2.59 0.66 -24.18
CA PRO B 86 3.65 -0.13 -23.57
C PRO B 86 3.14 -1.15 -22.55
N PHE B 87 2.04 -0.81 -21.87
CA PHE B 87 1.47 -1.70 -20.87
C PHE B 87 0.63 -2.80 -21.50
N MET B 88 0.10 -2.54 -22.70
CA MET B 88 -0.54 -3.59 -23.49
C MET B 88 0.51 -4.63 -23.91
N VAL B 89 1.70 -4.17 -24.24
CA VAL B 89 2.80 -5.06 -24.60
C VAL B 89 3.15 -5.95 -23.42
N LEU B 90 3.23 -5.36 -22.24
CA LEU B 90 3.54 -6.11 -21.02
C LEU B 90 2.42 -7.07 -20.67
N ALA B 91 1.17 -6.67 -20.94
CA ALA B 91 0.02 -7.53 -20.71
C ALA B 91 0.16 -8.80 -21.55
N TRP B 92 0.47 -8.62 -22.83
CA TRP B 92 0.70 -9.75 -23.72
C TRP B 92 1.87 -10.59 -23.26
N GLY B 93 2.97 -9.94 -22.92
CA GLY B 93 4.16 -10.61 -22.43
C GLY B 93 3.83 -11.51 -21.26
N TYR B 94 3.03 -10.98 -20.34
CA TYR B 94 2.63 -11.71 -19.15
C TYR B 94 1.90 -13.01 -19.49
N VAL B 95 0.85 -12.92 -20.32
CA VAL B 95 0.06 -14.11 -20.66
C VAL B 95 0.81 -15.05 -21.62
N TRP B 96 1.88 -14.57 -22.22
CA TRP B 96 2.74 -15.41 -23.05
C TRP B 96 3.77 -16.13 -22.17
N GLY B 97 3.79 -15.80 -20.88
CA GLY B 97 4.68 -16.46 -19.94
C GLY B 97 6.04 -15.80 -19.82
N LEU B 98 6.15 -14.59 -20.34
CA LEU B 98 7.38 -13.81 -20.18
C LEU B 98 7.31 -13.04 -18.86
N PRO B 99 8.42 -12.97 -18.11
CA PRO B 99 8.40 -12.20 -16.86
C PRO B 99 8.40 -10.70 -17.16
N VAL B 100 7.38 -9.98 -16.69
CA VAL B 100 7.25 -8.56 -16.99
C VAL B 100 7.39 -7.71 -15.73
N THR B 101 7.93 -6.52 -15.90
CA THR B 101 8.17 -5.60 -14.78
C THR B 101 7.64 -4.20 -15.06
N PHE B 102 6.85 -3.69 -14.12
CA PHE B 102 6.43 -2.29 -14.14
C PHE B 102 7.37 -1.50 -13.24
N LEU B 103 8.10 -0.55 -13.82
CA LEU B 103 9.04 0.25 -13.03
C LEU B 103 8.47 1.63 -12.76
N LEU B 104 8.21 1.91 -11.49
CA LEU B 104 7.72 3.21 -11.06
C LEU B 104 8.89 4.13 -10.67
N GLY B 105 9.02 5.25 -11.36
CA GLY B 105 10.15 6.14 -11.15
C GLY B 105 9.96 7.08 -9.97
N GLY B 106 9.83 6.49 -8.78
CA GLY B 106 9.61 7.26 -7.56
C GLY B 106 10.73 8.22 -7.19
N ALA B 107 11.98 7.77 -7.37
CA ALA B 107 13.14 8.58 -7.01
C ALA B 107 13.38 9.67 -8.03
N THR B 108 13.42 9.25 -9.29
CA THR B 108 13.78 10.12 -10.41
C THR B 108 12.75 11.22 -10.68
N SER B 109 11.57 11.10 -10.07
CA SER B 109 10.53 12.13 -10.23
C SER B 109 10.92 13.39 -9.48
N HIS B 125 5.49 20.71 -4.93
CA HIS B 125 5.69 20.42 -3.51
C HIS B 125 5.98 18.94 -3.29
N SER B 126 6.53 18.62 -2.14
CA SER B 126 6.93 17.25 -1.83
C SER B 126 5.73 16.39 -1.44
N SER B 127 4.77 17.00 -0.75
CA SER B 127 3.57 16.29 -0.32
C SER B 127 2.76 15.83 -1.53
N VAL B 128 2.81 16.61 -2.61
CA VAL B 128 2.12 16.28 -3.84
C VAL B 128 2.77 15.09 -4.54
N ARG B 129 4.10 15.11 -4.62
CA ARG B 129 4.85 14.06 -5.30
C ARG B 129 4.65 12.71 -4.63
N LYS B 130 4.64 12.70 -3.30
CA LYS B 130 4.47 11.46 -2.55
C LYS B 130 3.08 10.87 -2.75
N ALA B 131 2.07 11.73 -2.82
CA ALA B 131 0.69 11.31 -3.01
C ALA B 131 0.49 10.71 -4.41
N ASN B 132 1.01 11.39 -5.43
CA ASN B 132 0.95 10.89 -6.79
C ASN B 132 1.61 9.52 -6.91
N MET B 133 2.75 9.39 -6.25
CA MET B 133 3.53 8.15 -6.30
C MET B 133 2.73 7.00 -5.70
N ALA B 134 2.06 7.27 -4.58
CA ALA B 134 1.27 6.27 -3.89
C ALA B 134 0.02 5.89 -4.68
N SER B 135 -0.63 6.89 -5.27
CA SER B 135 -1.82 6.65 -6.08
C SER B 135 -1.47 5.87 -7.33
N MET B 136 -0.35 6.21 -7.96
CA MET B 136 0.08 5.54 -9.16
C MET B 136 0.51 4.11 -8.86
N HIS B 137 1.15 3.91 -7.73
CA HIS B 137 1.54 2.57 -7.29
C HIS B 137 0.31 1.69 -7.12
N MET B 138 -0.71 2.25 -6.47
CA MET B 138 -1.96 1.52 -6.24
C MET B 138 -2.61 1.18 -7.57
N GLN B 139 -2.61 2.14 -8.50
CA GLN B 139 -3.23 1.92 -9.80
C GLN B 139 -2.49 0.86 -10.61
N LEU B 140 -1.17 0.83 -10.50
CA LEU B 140 -0.39 -0.14 -11.24
C LEU B 140 -0.59 -1.56 -10.71
N LYS B 141 -0.72 -1.70 -9.39
CA LYS B 141 -1.05 -2.99 -8.80
C LYS B 141 -2.40 -3.48 -9.31
N LYS B 142 -3.38 -2.58 -9.28
CA LYS B 142 -4.74 -2.89 -9.74
C LYS B 142 -4.72 -3.30 -11.22
N LEU B 143 -3.96 -2.56 -12.03
CA LEU B 143 -3.86 -2.87 -13.45
C LEU B 143 -3.26 -4.26 -13.64
N GLY B 144 -2.28 -4.59 -12.82
CA GLY B 144 -1.66 -5.91 -12.86
C GLY B 144 -2.67 -7.02 -12.64
N ALA B 145 -3.53 -6.85 -11.64
CA ALA B 145 -4.56 -7.83 -11.34
C ALA B 145 -5.61 -7.87 -12.45
N SER B 146 -5.93 -6.70 -12.97
CA SER B 146 -6.90 -6.58 -14.05
C SER B 146 -6.41 -7.29 -15.32
N ILE B 147 -5.12 -7.16 -15.61
CA ILE B 147 -4.52 -7.82 -16.77
C ILE B 147 -4.68 -9.32 -16.65
N GLU B 148 -4.48 -9.85 -15.44
CA GLU B 148 -4.62 -11.27 -15.20
C GLU B 148 -6.07 -11.72 -15.39
N ARG B 149 -6.99 -10.95 -14.82
CA ARG B 149 -8.42 -11.23 -14.96
C ARG B 149 -8.84 -11.16 -16.42
N TYR B 150 -8.40 -10.12 -17.11
CA TYR B 150 -8.76 -9.93 -18.51
C TYR B 150 -8.19 -11.05 -19.38
N GLY B 151 -6.99 -11.51 -19.03
CA GLY B 151 -6.39 -12.64 -19.72
C GLY B 151 -7.20 -13.90 -19.54
N GLU B 152 -7.70 -14.11 -18.33
CA GLU B 152 -8.52 -15.28 -18.02
C GLU B 152 -9.75 -15.34 -18.94
N LYS B 153 -10.40 -14.19 -19.11
CA LYS B 153 -11.57 -14.11 -19.98
C LYS B 153 -11.30 -14.60 -21.39
N HIS B 154 -10.10 -14.32 -21.90
CA HIS B 154 -9.78 -14.62 -23.28
C HIS B 154 -8.97 -15.92 -23.42
N GLY B 155 -9.02 -16.75 -22.39
CA GLY B 155 -8.48 -18.09 -22.46
C GLY B 155 -7.05 -18.29 -22.00
N TYR B 156 -6.43 -17.23 -21.48
CA TYR B 156 -5.07 -17.33 -20.97
C TYR B 156 -5.08 -17.63 -19.47
N LYS B 157 -4.78 -18.88 -19.13
CA LYS B 157 -4.83 -19.34 -17.75
C LYS B 157 -3.45 -19.25 -17.10
N ARG B 158 -3.38 -18.56 -15.96
CA ARG B 158 -2.12 -18.32 -15.27
C ARG B 158 -1.39 -19.61 -14.90
N GLN B 159 -0.12 -19.67 -15.26
CA GLN B 159 0.75 -20.79 -14.93
C GLN B 159 1.73 -20.39 -13.84
N MET B 160 2.29 -21.38 -13.16
CA MET B 160 3.24 -21.13 -12.08
C MET B 160 4.46 -20.34 -12.59
N ILE B 161 4.80 -20.55 -13.86
CA ILE B 161 5.99 -19.92 -14.44
C ILE B 161 5.76 -18.46 -14.80
N TRP B 162 4.50 -18.04 -14.89
CA TRP B 162 4.18 -16.64 -15.14
C TRP B 162 4.77 -15.76 -14.05
N ARG B 163 5.10 -14.52 -14.41
CA ARG B 163 5.58 -13.55 -13.42
C ARG B 163 5.32 -12.12 -13.87
N ARG B 164 4.72 -11.34 -12.98
CA ARG B 164 4.63 -9.90 -13.14
C ARG B 164 5.09 -9.22 -11.85
N THR B 165 5.87 -8.15 -12.02
CA THR B 165 6.47 -7.46 -10.89
C THR B 165 6.24 -5.96 -10.98
N LEU B 166 5.94 -5.35 -9.84
CA LEU B 166 5.87 -3.89 -9.73
C LEU B 166 6.98 -3.42 -8.81
N THR B 167 7.85 -2.55 -9.34
CA THR B 167 9.02 -2.09 -8.60
C THR B 167 9.17 -0.58 -8.65
N ASN B 168 9.47 0.00 -7.49
CA ASN B 168 9.78 1.41 -7.37
C ASN B 168 11.29 1.58 -7.33
N ASN B 169 11.86 2.40 -8.20
CA ASN B 169 13.32 2.51 -8.26
C ASN B 169 13.91 3.18 -7.02
N ASN B 170 13.04 3.68 -6.15
CA ASN B 170 13.45 4.12 -4.82
C ASN B 170 14.10 2.99 -4.05
N VAL B 171 13.76 1.76 -4.42
CA VAL B 171 14.32 0.57 -3.78
C VAL B 171 15.85 0.60 -3.76
N TRP B 172 16.47 1.10 -4.82
CA TRP B 172 17.92 1.24 -4.85
C TRP B 172 18.39 2.70 -4.72
N TRP B 173 17.64 3.65 -5.28
CA TRP B 173 18.09 5.04 -5.26
C TRP B 173 18.14 5.63 -3.84
N ASN B 174 17.48 4.98 -2.89
CA ASN B 174 17.53 5.43 -1.50
C ASN B 174 18.92 5.25 -0.89
N LYS B 175 19.70 4.31 -1.42
CA LYS B 175 21.01 3.99 -0.87
C LYS B 175 22.15 4.06 -1.89
N THR B 176 21.83 4.01 -3.18
CA THR B 176 22.85 3.92 -4.22
C THR B 176 23.89 5.04 -4.13
N PRO B 177 25.13 4.70 -3.75
CA PRO B 177 26.17 5.73 -3.63
C PRO B 177 26.52 6.40 -4.94
N LEU B 178 26.74 7.72 -4.90
CA LEU B 178 27.23 8.45 -6.05
C LEU B 178 28.50 7.80 -6.59
N LEU B 179 29.37 7.36 -5.68
CA LEU B 179 30.66 6.81 -6.06
C LEU B 179 30.50 5.53 -6.89
N GLU B 180 29.49 4.73 -6.58
CA GLU B 180 29.24 3.49 -7.31
C GLU B 180 28.84 3.80 -8.76
N VAL B 181 28.00 4.82 -8.95
CA VAL B 181 27.54 5.17 -10.29
C VAL B 181 28.67 5.76 -11.13
N LEU B 182 29.52 6.57 -10.51
CA LEU B 182 30.64 7.17 -11.23
C LEU B 182 31.65 6.11 -11.65
N ARG B 183 31.87 5.13 -10.78
CA ARG B 183 32.84 4.08 -11.07
C ARG B 183 32.39 3.15 -12.21
N ASP B 184 31.15 2.70 -12.16
CA ASP B 184 30.67 1.69 -13.10
C ASP B 184 30.01 2.28 -14.35
N LEU B 185 29.65 3.56 -14.31
CA LEU B 185 28.98 4.19 -15.44
C LEU B 185 29.57 5.56 -15.78
N GLY B 186 29.60 6.46 -14.80
CA GLY B 186 30.02 7.83 -15.02
C GLY B 186 31.40 7.98 -15.64
N ALA B 187 32.30 7.06 -15.29
CA ALA B 187 33.67 7.12 -15.77
C ALA B 187 33.78 6.81 -17.25
N TYR B 188 32.76 6.16 -17.82
CA TYR B 188 32.81 5.68 -19.19
C TYR B 188 31.87 6.46 -20.13
N ILE B 189 31.19 7.47 -19.60
CA ILE B 189 30.29 8.30 -20.40
C ILE B 189 30.92 9.66 -20.64
N ARG B 190 31.06 10.02 -21.91
CA ARG B 190 31.58 11.33 -22.28
C ARG B 190 30.45 12.36 -22.32
N ILE B 191 30.70 13.54 -21.78
CA ILE B 191 29.67 14.59 -21.70
C ILE B 191 29.46 15.28 -23.04
N GLY B 192 30.45 15.22 -23.91
CA GLY B 192 30.34 15.81 -25.24
C GLY B 192 29.07 15.36 -25.95
N PRO B 193 28.95 14.04 -26.19
CA PRO B 193 27.75 13.44 -26.78
C PRO B 193 26.47 13.76 -26.03
N MET B 194 26.52 13.76 -24.69
CA MET B 194 25.35 14.07 -23.88
C MET B 194 24.84 15.48 -24.16
N LEU B 195 25.78 16.41 -24.35
CA LEU B 195 25.44 17.79 -24.64
C LEU B 195 24.92 17.89 -26.06
N GLY B 196 25.10 16.81 -26.82
CA GLY B 196 24.63 16.72 -28.19
C GLY B 196 23.21 16.17 -28.32
N ARG B 197 22.69 15.54 -27.27
CA ARG B 197 21.34 14.98 -27.33
C ARG B 197 20.35 16.09 -27.69
N ASP B 198 19.34 15.74 -28.49
CA ASP B 198 18.39 16.71 -29.02
C ASP B 198 17.75 17.56 -27.92
N THR B 199 17.23 16.89 -26.90
CA THR B 199 16.55 17.58 -25.80
C THR B 199 17.47 18.55 -25.08
N VAL B 200 18.76 18.19 -24.98
CA VAL B 200 19.73 18.99 -24.25
C VAL B 200 20.30 20.17 -25.05
N LYS B 201 20.62 19.95 -26.32
CA LYS B 201 21.27 20.98 -27.12
C LYS B 201 20.44 22.28 -27.19
N ASN B 202 19.14 22.13 -27.40
CA ASN B 202 18.24 23.29 -27.47
C ASN B 202 17.92 23.85 -26.09
N ARG B 203 18.96 24.22 -25.35
CA ARG B 203 18.78 24.75 -24.00
C ARG B 203 20.02 25.51 -23.54
N GLY B 209 19.04 26.89 -20.37
CA GLY B 209 19.87 26.36 -19.30
C GLY B 209 19.41 24.98 -18.84
N MET B 210 20.10 24.46 -17.83
CA MET B 210 19.79 23.13 -17.30
C MET B 210 20.57 22.88 -16.01
N SER B 211 19.94 22.21 -15.04
CA SER B 211 20.61 21.94 -13.77
C SER B 211 21.45 20.68 -13.90
N PHE B 212 22.34 20.47 -12.93
CA PHE B 212 23.18 19.28 -12.93
C PHE B 212 22.33 18.04 -12.71
N ALA B 213 21.36 18.15 -11.81
CA ALA B 213 20.42 17.06 -11.55
C ALA B 213 19.72 16.60 -12.83
N GLU B 214 19.20 17.57 -13.59
CA GLU B 214 18.52 17.26 -14.84
C GLU B 214 19.47 16.60 -15.84
N PHE B 215 20.70 17.11 -15.90
CA PHE B 215 21.73 16.58 -16.77
C PHE B 215 22.05 15.13 -16.43
N THR B 216 21.84 14.75 -15.17
CA THR B 216 22.17 13.41 -14.68
C THR B 216 21.06 12.38 -14.94
N TYR B 217 19.85 12.88 -15.23
CA TYR B 217 18.67 12.01 -15.39
C TYR B 217 18.89 10.84 -16.36
N PRO B 218 19.50 11.09 -17.54
CA PRO B 218 19.76 9.98 -18.47
C PRO B 218 20.55 8.82 -17.85
N LEU B 219 21.52 9.14 -16.99
CA LEU B 219 22.33 8.10 -16.36
C LEU B 219 21.53 7.31 -15.33
N MET B 220 20.61 7.98 -14.66
CA MET B 220 19.75 7.32 -13.69
C MET B 220 18.80 6.34 -14.38
N GLN B 221 18.25 6.75 -15.51
CA GLN B 221 17.40 5.86 -16.32
C GLN B 221 18.18 4.64 -16.77
N ALA B 222 19.43 4.86 -17.18
CA ALA B 222 20.29 3.77 -17.63
C ALA B 222 20.59 2.82 -16.47
N TRP B 223 20.87 3.40 -15.30
CA TRP B 223 21.17 2.62 -14.11
C TRP B 223 19.95 1.78 -13.69
N ASP B 224 18.77 2.38 -13.77
CA ASP B 224 17.52 1.67 -13.52
C ASP B 224 17.48 0.38 -14.32
N TRP B 225 17.74 0.49 -15.63
CA TRP B 225 17.74 -0.67 -16.50
C TRP B 225 18.77 -1.68 -16.04
N TRP B 226 19.98 -1.20 -15.74
CA TRP B 226 21.06 -2.07 -15.27
C TRP B 226 20.61 -2.89 -14.05
N MET B 227 19.93 -2.23 -13.11
CA MET B 227 19.45 -2.91 -11.91
C MET B 227 18.46 -4.02 -12.26
N LEU B 228 17.64 -3.80 -13.27
CA LEU B 228 16.67 -4.81 -13.71
C LEU B 228 17.34 -5.83 -14.63
N PHE B 229 18.29 -5.37 -15.43
CA PHE B 229 19.01 -6.23 -16.37
C PHE B 229 19.72 -7.37 -15.64
N LYS B 230 20.27 -7.05 -14.47
CA LYS B 230 20.96 -8.04 -13.65
C LYS B 230 20.04 -9.19 -13.26
N ASN B 231 18.74 -8.92 -13.22
CA ASN B 231 17.74 -9.92 -12.83
C ASN B 231 16.90 -10.42 -14.00
N GLY B 232 17.41 -10.26 -15.22
CA GLY B 232 16.81 -10.85 -16.40
C GLY B 232 16.02 -9.92 -17.31
N CYS B 233 15.91 -8.65 -16.97
CA CYS B 233 15.16 -7.70 -17.79
C CYS B 233 16.03 -7.19 -18.93
N GLN B 234 16.13 -8.00 -19.98
CA GLN B 234 17.00 -7.69 -21.10
C GLN B 234 16.37 -6.69 -22.04
N VAL B 235 15.04 -6.61 -22.02
CA VAL B 235 14.30 -5.80 -22.97
C VAL B 235 13.51 -4.68 -22.31
N GLN B 236 13.47 -3.52 -22.95
CA GLN B 236 12.63 -2.40 -22.51
C GLN B 236 11.67 -1.96 -23.62
N VAL B 237 10.44 -1.68 -23.24
CA VAL B 237 9.47 -1.08 -24.15
C VAL B 237 9.03 0.27 -23.58
N GLY B 238 8.82 1.24 -24.47
CA GLY B 238 8.39 2.56 -24.08
C GLY B 238 7.54 3.22 -25.15
N GLY B 239 7.06 4.42 -24.86
CA GLY B 239 6.30 5.19 -25.84
C GLY B 239 7.16 5.59 -27.02
N SER B 240 6.53 6.06 -28.08
CA SER B 240 7.22 6.47 -29.29
C SER B 240 8.34 7.47 -29.00
N ASP B 241 8.08 8.37 -28.06
CA ASP B 241 9.03 9.44 -27.73
C ASP B 241 10.20 8.97 -26.86
N GLN B 242 10.27 7.67 -26.57
CA GLN B 242 11.31 7.12 -25.70
C GLN B 242 12.48 6.51 -26.46
N TYR B 243 12.48 6.64 -27.79
CA TYR B 243 13.54 6.05 -28.61
C TYR B 243 14.93 6.48 -28.13
N GLY B 244 15.10 7.79 -27.95
CA GLY B 244 16.36 8.35 -27.49
C GLY B 244 16.81 7.77 -26.15
N ASN B 245 15.92 7.76 -25.19
CA ASN B 245 16.23 7.26 -23.85
C ASN B 245 16.61 5.77 -23.87
N ILE B 246 15.89 5.00 -24.67
CA ILE B 246 16.16 3.57 -24.77
C ILE B 246 17.49 3.35 -25.49
N LEU B 247 17.75 4.17 -26.50
CA LEU B 247 19.00 4.09 -27.25
C LEU B 247 20.20 4.31 -26.33
N PHE B 248 20.14 5.40 -25.56
CA PHE B 248 21.18 5.68 -24.58
C PHE B 248 21.32 4.54 -23.59
N GLY B 249 20.19 3.97 -23.18
CA GLY B 249 20.17 2.90 -22.20
C GLY B 249 20.89 1.65 -22.68
N VAL B 250 20.70 1.27 -23.94
CA VAL B 250 21.36 0.09 -24.50
C VAL B 250 22.87 0.20 -24.37
N GLY B 251 23.42 1.32 -24.82
CA GLY B 251 24.85 1.56 -24.76
C GLY B 251 25.35 1.56 -23.33
N ALA B 252 24.65 2.26 -22.45
CA ALA B 252 25.05 2.39 -21.06
C ALA B 252 25.07 1.03 -20.35
N VAL B 253 24.07 0.19 -20.62
CA VAL B 253 23.98 -1.10 -19.96
C VAL B 253 25.10 -2.02 -20.43
N LYS B 254 25.40 -2.01 -21.72
CA LYS B 254 26.54 -2.74 -22.26
C LYS B 254 27.82 -2.34 -21.52
N THR B 255 28.03 -1.03 -21.43
CA THR B 255 29.21 -0.47 -20.79
C THR B 255 29.35 -0.91 -19.33
N ILE B 256 28.27 -0.75 -18.57
CA ILE B 256 28.27 -1.11 -17.16
C ILE B 256 28.59 -2.59 -16.97
N SER B 257 27.89 -3.43 -17.72
CA SER B 257 28.07 -4.88 -17.63
C SER B 257 29.49 -5.30 -18.00
N LYS B 258 30.10 -4.58 -18.92
CA LYS B 258 31.43 -4.94 -19.42
C LYS B 258 32.55 -4.50 -18.48
N ASN B 259 32.31 -3.45 -17.69
CA ASN B 259 33.36 -2.83 -16.90
C ASN B 259 33.13 -2.83 -15.39
N THR B 260 32.01 -3.37 -14.93
CA THR B 260 31.71 -3.42 -13.49
C THR B 260 32.76 -4.26 -12.76
N VAL B 261 33.13 -3.84 -11.55
CA VAL B 261 34.22 -4.50 -10.84
C VAL B 261 33.79 -5.75 -10.07
N LEU B 262 32.48 -5.88 -9.82
CA LEU B 262 31.98 -7.11 -9.19
C LEU B 262 31.85 -8.16 -10.27
N GLN B 263 32.67 -9.20 -10.17
CA GLN B 263 32.72 -10.25 -11.19
C GLN B 263 31.43 -11.06 -11.22
N GLU B 264 30.71 -11.07 -10.11
CA GLU B 264 29.44 -11.78 -10.03
C GLU B 264 28.44 -11.16 -11.00
N ASP B 265 28.65 -9.89 -11.33
CA ASP B 265 27.76 -9.15 -12.22
C ASP B 265 28.40 -8.87 -13.58
N ASN B 266 29.73 -8.94 -13.65
CA ASN B 266 30.46 -8.62 -14.88
C ASN B 266 30.19 -9.61 -16.00
N ASN B 267 30.01 -9.08 -17.21
CA ASN B 267 29.75 -9.90 -18.38
C ASN B 267 29.97 -9.07 -19.65
N PRO B 268 30.80 -9.57 -20.58
CA PRO B 268 31.08 -8.79 -21.80
C PRO B 268 29.91 -8.73 -22.78
N LEU B 269 28.93 -9.62 -22.62
CA LEU B 269 27.80 -9.68 -23.53
C LEU B 269 28.25 -9.85 -24.98
N SER B 270 29.15 -10.81 -25.21
CA SER B 270 29.71 -11.03 -26.53
C SER B 270 28.65 -11.53 -27.51
N ASP B 271 27.72 -12.34 -27.00
CA ASP B 271 26.64 -12.87 -27.83
C ASP B 271 25.52 -11.82 -27.95
N ASP B 272 25.15 -11.51 -29.19
CA ASP B 272 24.11 -10.52 -29.45
C ASP B 272 22.78 -10.88 -28.79
N LEU B 273 22.55 -12.18 -28.61
CA LEU B 273 21.30 -12.64 -28.02
C LEU B 273 21.19 -12.26 -26.54
N ASP B 274 22.29 -11.77 -25.97
CA ASP B 274 22.34 -11.42 -24.55
C ASP B 274 22.42 -9.91 -24.34
N LYS B 275 22.59 -9.15 -25.42
CA LYS B 275 22.72 -7.71 -25.33
C LYS B 275 21.38 -7.03 -25.04
N PRO B 276 21.40 -5.94 -24.24
CA PRO B 276 20.17 -5.19 -24.01
C PRO B 276 19.60 -4.64 -25.32
N ILE B 277 18.28 -4.56 -25.40
CA ILE B 277 17.62 -4.11 -26.61
C ILE B 277 16.21 -3.64 -26.25
N GLY B 278 15.59 -2.84 -27.10
CA GLY B 278 14.26 -2.35 -26.82
C GLY B 278 13.50 -1.94 -28.06
N PHE B 279 12.27 -1.50 -27.84
CA PHE B 279 11.43 -0.99 -28.92
C PHE B 279 10.38 -0.05 -28.38
N THR B 280 9.76 0.71 -29.28
CA THR B 280 8.76 1.69 -28.89
C THR B 280 7.39 1.31 -29.43
N THR B 281 6.35 1.90 -28.85
CA THR B 281 4.98 1.69 -29.29
C THR B 281 4.54 2.90 -30.10
N PRO B 282 3.57 2.70 -31.03
CA PRO B 282 3.16 3.79 -31.93
C PRO B 282 2.56 5.00 -31.22
N LEU B 283 2.61 6.14 -31.91
CA LEU B 283 2.02 7.37 -31.41
C LEU B 283 0.53 7.37 -31.76
N LEU B 284 -0.32 7.60 -30.77
CA LEU B 284 -1.75 7.59 -30.98
C LEU B 284 -2.25 8.84 -31.70
N ASN B 298 -9.36 16.97 -22.27
CA ASN B 298 -7.93 16.70 -22.35
C ASN B 298 -7.64 15.20 -22.25
N ALA B 299 -7.00 14.79 -21.17
CA ALA B 299 -6.56 13.40 -21.02
C ALA B 299 -7.69 12.49 -20.60
N ILE B 300 -7.62 11.23 -21.03
CA ILE B 300 -8.57 10.20 -20.63
C ILE B 300 -7.94 9.32 -19.55
N TRP B 301 -8.19 9.66 -18.30
CA TRP B 301 -7.55 9.00 -17.17
C TRP B 301 -8.08 7.60 -16.91
N LEU B 302 -7.22 6.75 -16.36
CA LEU B 302 -7.62 5.38 -16.02
C LEU B 302 -8.25 5.33 -14.64
N ASP B 303 -8.20 6.45 -13.92
CA ASP B 303 -8.80 6.57 -12.61
C ASP B 303 -10.28 6.95 -12.75
N LYS B 304 -11.15 6.07 -12.27
CA LYS B 304 -12.60 6.24 -12.37
C LYS B 304 -13.11 7.57 -11.81
N ASP B 305 -12.42 8.10 -10.81
CA ASP B 305 -12.85 9.36 -10.17
C ASP B 305 -12.46 10.59 -10.98
N MET B 306 -11.53 10.41 -11.93
CA MET B 306 -11.08 11.50 -12.78
C MET B 306 -11.77 11.41 -14.13
N THR B 307 -11.87 10.20 -14.66
CA THR B 307 -12.63 9.92 -15.88
C THR B 307 -13.60 8.78 -15.59
N SER B 308 -14.89 9.09 -15.59
CA SER B 308 -15.91 8.09 -15.30
C SER B 308 -15.83 6.96 -16.32
N THR B 309 -16.29 5.78 -15.92
CA THR B 309 -16.31 4.63 -16.81
C THR B 309 -17.16 4.92 -18.04
N PHE B 310 -18.21 5.71 -17.83
CA PHE B 310 -19.11 6.09 -18.91
C PHE B 310 -18.36 6.94 -19.93
N GLU B 311 -17.56 7.87 -19.44
CA GLU B 311 -16.79 8.74 -20.32
C GLU B 311 -15.64 8.02 -21.00
N LEU B 312 -15.07 7.01 -20.34
CA LEU B 312 -14.04 6.19 -20.96
C LEU B 312 -14.66 5.38 -22.09
N TYR B 313 -15.88 4.90 -21.85
CA TYR B 313 -16.61 4.15 -22.86
C TYR B 313 -16.90 5.05 -24.05
N GLN B 314 -17.42 6.25 -23.76
CA GLN B 314 -17.73 7.23 -24.80
C GLN B 314 -16.51 7.57 -25.65
N PHE B 315 -15.37 7.80 -25.01
CA PHE B 315 -14.15 8.15 -25.74
C PHE B 315 -13.81 7.13 -26.83
N PHE B 316 -13.88 5.86 -26.47
CA PHE B 316 -13.53 4.80 -27.41
C PHE B 316 -14.64 4.57 -28.44
N VAL B 317 -15.88 4.86 -28.07
CA VAL B 317 -17.00 4.74 -29.01
C VAL B 317 -16.87 5.79 -30.12
N ARG B 318 -16.18 6.89 -29.82
CA ARG B 318 -15.97 7.95 -30.80
C ARG B 318 -14.75 7.70 -31.68
N THR B 319 -14.14 6.52 -31.55
CA THR B 319 -13.00 6.15 -32.38
C THR B 319 -13.39 6.20 -33.86
N PRO B 320 -12.59 6.88 -34.70
CA PRO B 320 -12.91 6.97 -36.13
C PRO B 320 -13.03 5.61 -36.82
N ASP B 321 -13.88 5.52 -37.84
CA ASP B 321 -14.08 4.30 -38.60
C ASP B 321 -12.77 3.76 -39.19
N ASP B 322 -11.93 4.67 -39.65
CA ASP B 322 -10.68 4.29 -40.32
C ASP B 322 -9.56 3.92 -39.34
N ALA B 323 -9.85 4.03 -38.04
CA ALA B 323 -8.85 3.74 -37.01
C ALA B 323 -9.28 2.59 -36.10
N VAL B 324 -10.58 2.28 -36.08
CA VAL B 324 -11.13 1.36 -35.09
C VAL B 324 -10.53 -0.04 -35.19
N GLU B 325 -10.25 -0.50 -36.41
CA GLU B 325 -9.70 -1.83 -36.61
C GLU B 325 -8.34 -1.95 -35.94
N ARG B 326 -7.50 -0.95 -36.14
CA ARG B 326 -6.17 -0.92 -35.55
C ARG B 326 -6.25 -0.85 -34.04
N TYR B 327 -7.17 -0.05 -33.52
CA TYR B 327 -7.33 0.09 -32.07
C TYR B 327 -7.80 -1.23 -31.44
N LEU B 328 -8.68 -1.95 -32.13
CA LEU B 328 -9.12 -3.25 -31.65
C LEU B 328 -7.94 -4.19 -31.44
N LYS B 329 -6.96 -4.10 -32.35
CA LYS B 329 -5.78 -4.95 -32.27
C LYS B 329 -4.83 -4.50 -31.15
N MET B 330 -4.72 -3.19 -30.94
CA MET B 330 -3.75 -2.65 -30.00
C MET B 330 -4.26 -2.60 -28.55
N PHE B 331 -5.55 -2.34 -28.38
CA PHE B 331 -6.10 -2.08 -27.05
C PHE B 331 -6.89 -3.26 -26.45
N THR B 332 -6.96 -4.37 -27.18
CA THR B 332 -7.71 -5.54 -26.71
C THR B 332 -6.97 -6.85 -26.95
N PHE B 333 -7.46 -7.90 -26.31
CA PHE B 333 -6.95 -9.26 -26.51
C PHE B 333 -7.82 -10.04 -27.48
N LEU B 334 -8.74 -9.37 -28.17
CA LEU B 334 -9.60 -10.05 -29.12
C LEU B 334 -8.75 -10.74 -30.18
N PRO B 335 -8.97 -12.05 -30.40
CA PRO B 335 -8.23 -12.71 -31.47
C PRO B 335 -8.50 -12.05 -32.82
N ILE B 336 -7.51 -12.08 -33.71
CA ILE B 336 -7.66 -11.45 -35.02
C ILE B 336 -8.86 -11.98 -35.80
N PRO B 337 -9.09 -13.31 -35.77
CA PRO B 337 -10.28 -13.82 -36.46
C PRO B 337 -11.58 -13.16 -35.98
N GLU B 338 -11.71 -12.97 -34.67
CA GLU B 338 -12.90 -12.32 -34.13
C GLU B 338 -12.97 -10.86 -34.55
N ILE B 339 -11.80 -10.22 -34.64
CA ILE B 339 -11.74 -8.84 -35.08
C ILE B 339 -12.16 -8.74 -36.56
N SER B 340 -11.77 -9.74 -37.35
CA SER B 340 -12.18 -9.78 -38.75
C SER B 340 -13.70 -9.88 -38.88
N LYS B 341 -14.30 -10.76 -38.07
CA LYS B 341 -15.75 -10.92 -38.06
C LYS B 341 -16.45 -9.61 -37.66
N ILE B 342 -15.86 -8.91 -36.69
CA ILE B 342 -16.42 -7.65 -36.23
C ILE B 342 -16.33 -6.56 -37.30
N MET B 343 -15.21 -6.51 -38.01
CA MET B 343 -15.00 -5.45 -39.00
C MET B 343 -15.86 -5.62 -40.25
N GLU B 344 -16.04 -6.86 -40.68
CA GLU B 344 -16.88 -7.16 -41.82
C GLU B 344 -18.32 -6.76 -41.51
N GLU B 345 -18.75 -7.02 -40.28
CA GLU B 345 -20.07 -6.61 -39.82
C GLU B 345 -20.12 -5.08 -39.70
N GLN B 346 -19.03 -4.51 -39.21
CA GLN B 346 -18.88 -3.05 -39.13
C GLN B 346 -18.97 -2.47 -40.54
N ASN B 347 -18.32 -3.12 -41.49
CA ASN B 347 -18.26 -2.64 -42.87
C ASN B 347 -19.62 -2.71 -43.57
N GLN B 348 -20.55 -3.48 -43.03
CA GLN B 348 -21.90 -3.52 -43.57
C GLN B 348 -22.60 -2.19 -43.33
N ASP B 349 -22.36 -1.62 -42.14
CA ASP B 349 -22.99 -0.37 -41.75
C ASP B 349 -22.27 0.21 -40.54
N PRO B 350 -21.20 0.98 -40.77
CA PRO B 350 -20.39 1.49 -39.66
C PRO B 350 -21.10 2.52 -38.79
N SER B 351 -22.28 2.95 -39.22
CA SER B 351 -23.06 3.93 -38.46
C SER B 351 -23.58 3.31 -37.16
N ARG B 352 -23.65 1.98 -37.13
CA ARG B 352 -24.09 1.25 -35.95
C ARG B 352 -22.97 1.14 -34.93
N ARG B 353 -21.75 1.45 -35.36
CA ARG B 353 -20.58 1.48 -34.49
C ARG B 353 -20.36 0.16 -33.75
N VAL B 354 -20.57 -0.95 -34.45
CA VAL B 354 -20.39 -2.28 -33.89
C VAL B 354 -18.95 -2.49 -33.43
N ALA B 355 -18.01 -2.03 -34.24
CA ALA B 355 -16.59 -2.19 -33.95
C ALA B 355 -16.16 -1.30 -32.79
N GLN B 356 -16.65 -0.06 -32.80
CA GLN B 356 -16.31 0.90 -31.76
C GLN B 356 -16.86 0.48 -30.40
N HIS B 357 -18.07 -0.10 -30.41
CA HIS B 357 -18.68 -0.58 -29.17
C HIS B 357 -17.93 -1.77 -28.61
N ALA B 358 -17.49 -2.67 -29.49
CA ALA B 358 -16.69 -3.82 -29.08
C ALA B 358 -15.37 -3.35 -28.47
N LEU B 359 -14.79 -2.32 -29.08
CA LEU B 359 -13.54 -1.76 -28.59
C LEU B 359 -13.72 -1.12 -27.22
N ALA B 360 -14.76 -0.31 -27.09
CA ALA B 360 -15.05 0.39 -25.85
C ALA B 360 -15.33 -0.60 -24.70
N TYR B 361 -16.10 -1.64 -25.01
CA TYR B 361 -16.47 -2.62 -24.00
C TYR B 361 -15.22 -3.34 -23.49
N GLU B 362 -14.40 -3.83 -24.42
CA GLU B 362 -13.20 -4.58 -24.08
C GLU B 362 -12.26 -3.79 -23.19
N PHE B 363 -11.99 -2.53 -23.54
CA PHE B 363 -11.03 -1.74 -22.81
C PHE B 363 -11.54 -1.34 -21.44
N VAL B 364 -12.84 -1.06 -21.35
CA VAL B 364 -13.44 -0.73 -20.05
C VAL B 364 -13.39 -1.95 -19.14
N GLU B 365 -13.64 -3.14 -19.71
CA GLU B 365 -13.58 -4.36 -18.93
C GLU B 365 -12.16 -4.59 -18.42
N LEU B 366 -11.18 -4.36 -19.30
CA LEU B 366 -9.78 -4.51 -18.91
C LEU B 366 -9.45 -3.61 -17.73
N ILE B 367 -9.82 -2.33 -17.82
CA ILE B 367 -9.42 -1.38 -16.79
C ILE B 367 -10.30 -1.45 -15.54
N HIS B 368 -11.61 -1.54 -15.72
CA HIS B 368 -12.55 -1.39 -14.60
C HIS B 368 -13.41 -2.63 -14.30
N GLY B 369 -13.27 -3.68 -15.09
CA GLY B 369 -13.97 -4.93 -14.84
C GLY B 369 -15.25 -5.11 -15.63
N LYS B 370 -15.74 -6.35 -15.67
CA LYS B 370 -16.90 -6.73 -16.47
C LYS B 370 -18.18 -6.01 -16.05
N ASP B 371 -18.44 -5.98 -14.75
CA ASP B 371 -19.66 -5.34 -14.24
C ASP B 371 -19.73 -3.88 -14.66
N GLU B 372 -18.59 -3.20 -14.62
CA GLU B 372 -18.52 -1.82 -15.07
C GLU B 372 -18.78 -1.74 -16.58
N ALA B 373 -18.21 -2.68 -17.32
CA ALA B 373 -18.37 -2.72 -18.77
C ALA B 373 -19.84 -2.96 -19.17
N ASP B 374 -20.47 -3.91 -18.51
CA ASP B 374 -21.88 -4.22 -18.75
C ASP B 374 -22.75 -3.00 -18.46
N ALA B 375 -22.50 -2.38 -17.32
CA ALA B 375 -23.31 -1.25 -16.87
C ALA B 375 -23.24 -0.07 -17.84
N VAL B 376 -22.03 0.35 -18.21
CA VAL B 376 -21.88 1.54 -19.05
C VAL B 376 -22.33 1.30 -20.49
N SER B 377 -22.17 0.07 -20.98
CA SER B 377 -22.60 -0.26 -22.34
C SER B 377 -24.12 -0.23 -22.41
N MET B 378 -24.78 -0.72 -21.37
CA MET B 378 -26.24 -0.67 -21.28
C MET B 378 -26.68 0.79 -21.19
N GLN B 379 -26.00 1.55 -20.33
CA GLN B 379 -26.34 2.95 -20.12
C GLN B 379 -26.16 3.75 -21.40
N HIS B 380 -25.18 3.35 -22.21
CA HIS B 380 -24.92 4.04 -23.47
C HIS B 380 -26.03 3.73 -24.48
N ARG B 381 -26.48 2.48 -24.48
CA ARG B 381 -27.57 2.05 -25.36
C ARG B 381 -28.89 2.62 -24.86
N GLN B 382 -29.11 2.53 -23.55
CA GLN B 382 -30.30 3.07 -22.91
C GLN B 382 -30.43 4.56 -23.17
N LEU B 383 -29.28 5.22 -23.40
CA LEU B 383 -29.23 6.66 -23.60
C LEU B 383 -29.22 7.03 -25.08
N PHE B 384 -28.45 6.29 -25.88
CA PHE B 384 -28.31 6.57 -27.31
C PHE B 384 -28.89 5.42 -28.13
#